data_9E9S
#
_entry.id   9E9S
#
_cell.length_a   1.00
_cell.length_b   1.00
_cell.length_c   1.00
_cell.angle_alpha   90.00
_cell.angle_beta   90.00
_cell.angle_gamma   90.00
#
_symmetry.space_group_name_H-M   'P 1'
#
loop_
_entity.id
_entity.type
_entity.pdbx_description
1 polymer 'Guanine nucleotide-binding protein G(s) subunit alpha isoforms short'
2 polymer 'Guanine nucleotide-binding protein G(I)/G(S)/G(T) subunit beta-1'
3 polymer 'Guanine nucleotide-binding protein G(I)/G(S)/G(O) subunit gamma-2'
4 polymer 'Prostaglandin D2 receptor'
5 polymer 'Nanobody35|Lama glama'
6 non-polymer 'PROSTAGLANDIN D2'
7 non-polymer 2-acetamido-2-deoxy-beta-D-glucopyranose
8 non-polymer 'CHOLESTEROL HEMISUCCINATE'
9 water water
#
loop_
_entity_poly.entity_id
_entity_poly.type
_entity_poly.pdbx_seq_one_letter_code
_entity_poly.pdbx_strand_id
1 'polypeptide(L)'
;MGCLGNSKTEDQRNEEKAQREANKKIEKQLQKDKQVYRATHRLLLLGAGESGKNTIVKQMRILHVNGFNGEGGEEDPQAA
RSNSDGEKATKVQDIKNNLKEAIETIVAAMSNLVPPVELANPENQFRVDYILSVMNVPDFDFPPEFYEHAKALWEDEGVR
ACYERSNEYQLIDCAQYFLDKIDVIKQADYVPSDQDLLRCRVLTSGIFETKFQVDKVNFHMFDVGAQRDERRKWIQCFND
VTAIIFVVASSSYNMVIREDNQTNRLQAALKLFDSIWNNKWLRDTSVILFLNKQDLLAEKVLAGKSKIEDYFPEFARYTT
PEDATPEPGEDPRVTRAKYFIRDEFLRISTASGDGRHYCYPHFTCAVDTENIRRVFNDCRDIIQRMHLRQYELL
;
A
2 'polypeptide(L)'
;GPGSSQSELDQLRQEAEQLKNQIRDARKACADATLSQITNNIDPVGRIQMRTRRTLRGHLAKIYAMHWGTDSRLLVSASQ
DGKLIIWDSYTTNKVHAIPLRSSWVMTCAYAPSGNYVACGGLDNICSIYNLKTREGNVRVSRELAGHTGYLSCCRFLDDN
QIVTSSGDTTCALWDIETGQQTTTFTGHTGDVMSLSLAPDTRLFVSGACDASAKLWDVREGMCRQTFTGHESDINAICFF
PNGNAFATGSDDATCRLFDLRADQELMTYSHDNIICGITSVSFSKSGRLLLAGYDDFNCNVWDALKADRAGVLAGHDNRV
SCLGVTDDGMAVATGSWDSFLKIWN
;
B
3 'polypeptide(L)' MASNNTASIAQARKLVEQLKMEANIDRIKVSKAAADLMAYCEAHAKEDPLLTPVPASENPFREKKFFCAIL C
4 'polypeptide(L)'
;MKTIIALSYIFCLVFADYKDDDDGAPMKSPFYRCQNTTSVEKGNSAVMGGVLFSTGLLGNLLALGLLARSGLGWCSRRPL
RPLPSVFYMLVCGLTVTDLLGKCLLSPVVLAAYAQNRSLRVLAPALDNSLCQAFAFFMSFFGLSSTLQLLAMALECWLSL
GHPFFYRRHITLRLGALVAPVVSAFSLAFCALPFMGFGKFVQYCPGTWCFIQMVHEEGSLSVLGYSVLYSSLMALLVLAT
VLCNLGAMRNLYAMHRRLQRHPRSCTRDCAEPRADGREASPQPLEELDHLLLLALMTVLFTMCSLPVIYRAYYGAFKDVK
EKNRTSEEAEDLRALRFLSVISIVDPWIFIIFRSPVFRIFFHKIFIRPLRYRSRCSNSTNMESSL
;
D
5 'polypeptide(L)'
;MQVQLQESGGGLVQPGGSLRLSCAASGFTFSNYKMNWVRQAPGKGLEWVSDISQSGASISYTGSVKGRFTISRDNAKNTL
YLQMNSLKPEDTAVYYCARCPAPFTRDCFDVTSTTYAYRGQGTQVTVSSHHHHHHEPEA
;
N
#
loop_
_chem_comp.id
_chem_comp.type
_chem_comp.name
_chem_comp.formula
NAG D-saccharide, beta linking 2-acetamido-2-deoxy-beta-D-glucopyranose 'C8 H15 N O6'
PG2 non-polymer 'PROSTAGLANDIN D2' 'C20 H32 O5'
Y01 non-polymer 'CHOLESTEROL HEMISUCCINATE' 'C31 H50 O4'
#
# COMPACT_ATOMS: atom_id res chain seq x y z
N THR A 9 12.88 -17.98 -41.78
CA THR A 9 12.53 -17.86 -40.37
C THR A 9 13.68 -18.30 -39.47
N GLU A 10 14.79 -18.70 -40.11
CA GLU A 10 15.98 -19.10 -39.34
C GLU A 10 16.55 -17.92 -38.56
N ASP A 11 16.60 -16.74 -39.18
CA ASP A 11 17.06 -15.55 -38.47
C ASP A 11 16.08 -15.13 -37.39
N GLN A 12 14.79 -15.37 -37.60
CA GLN A 12 13.79 -15.05 -36.58
C GLN A 12 13.94 -15.96 -35.36
N ARG A 13 14.37 -17.21 -35.57
CA ARG A 13 14.63 -18.10 -34.44
C ARG A 13 15.81 -17.61 -33.61
N ASN A 14 16.85 -17.09 -34.27
CA ASN A 14 18.01 -16.58 -33.55
C ASN A 14 17.67 -15.31 -32.78
N GLU A 15 16.82 -14.46 -33.35
CA GLU A 15 16.43 -13.23 -32.66
C GLU A 15 15.61 -13.51 -31.42
N GLU A 16 14.74 -14.53 -31.47
CA GLU A 16 13.97 -14.89 -30.29
C GLU A 16 14.83 -15.58 -29.24
N LYS A 17 15.80 -16.39 -29.68
CA LYS A 17 16.69 -17.05 -28.73
C LYS A 17 17.64 -16.05 -28.08
N ALA A 18 18.14 -15.08 -28.86
CA ALA A 18 18.98 -14.03 -28.27
C ALA A 18 18.19 -13.15 -27.33
N GLN A 19 16.92 -12.89 -27.62
CA GLN A 19 16.07 -12.15 -26.70
C GLN A 19 15.75 -12.97 -25.46
N ARG A 20 15.65 -14.30 -25.60
CA ARG A 20 15.42 -15.15 -24.44
C ARG A 20 16.64 -15.22 -23.54
N GLU A 21 17.84 -15.27 -24.13
CA GLU A 21 19.07 -15.30 -23.34
C GLU A 21 19.28 -13.99 -22.61
N ALA A 22 19.00 -12.85 -23.26
CA ALA A 22 19.14 -11.56 -22.61
C ALA A 22 18.12 -11.39 -21.48
N ASN A 23 16.94 -11.99 -21.63
CA ASN A 23 15.96 -11.97 -20.55
C ASN A 23 16.40 -12.82 -19.37
N LYS A 24 17.07 -13.94 -19.65
CA LYS A 24 17.55 -14.82 -18.58
C LYS A 24 18.66 -14.16 -17.78
N LYS A 25 19.54 -13.40 -18.44
CA LYS A 25 20.62 -12.72 -17.74
C LYS A 25 20.10 -11.59 -16.87
N ILE A 26 19.06 -10.89 -17.32
CA ILE A 26 18.44 -9.84 -16.52
C ILE A 26 17.75 -10.43 -15.29
N GLU A 27 17.05 -11.55 -15.46
CA GLU A 27 16.34 -12.15 -14.35
C GLU A 27 17.29 -12.74 -13.32
N LYS A 28 18.49 -13.15 -13.73
CA LYS A 28 19.51 -13.56 -12.77
C LYS A 28 19.94 -12.39 -11.91
N GLN A 29 20.12 -11.21 -12.52
CA GLN A 29 20.52 -10.03 -11.76
C GLN A 29 19.38 -9.55 -10.86
N LEU A 30 18.14 -9.67 -11.33
CA LEU A 30 16.99 -9.22 -10.53
C LEU A 30 16.78 -10.09 -9.30
N GLN A 31 17.23 -11.34 -9.32
CA GLN A 31 17.13 -12.19 -8.13
C GLN A 31 18.09 -11.72 -7.04
N LYS A 32 19.29 -11.29 -7.43
CA LYS A 32 20.26 -10.77 -6.46
C LYS A 32 19.77 -9.46 -5.86
N ASP A 33 19.17 -8.59 -6.68
CA ASP A 33 18.66 -7.32 -6.16
C ASP A 33 17.44 -7.53 -5.28
N LYS A 34 16.70 -8.62 -5.48
CA LYS A 34 15.55 -8.91 -4.62
C LYS A 34 16.01 -9.27 -3.22
N GLN A 35 17.12 -10.00 -3.09
CA GLN A 35 17.65 -10.35 -1.78
C GLN A 35 18.17 -9.12 -1.05
N VAL A 36 18.83 -8.21 -1.78
CA VAL A 36 19.30 -6.97 -1.17
C VAL A 36 18.13 -6.09 -0.75
N TYR A 37 17.08 -6.06 -1.57
CA TYR A 37 15.89 -5.29 -1.23
C TYR A 37 15.19 -5.84 0.01
N ARG A 38 15.13 -7.16 0.14
CA ARG A 38 14.47 -7.78 1.29
C ARG A 38 15.29 -7.59 2.56
N ALA A 39 16.62 -7.62 2.46
CA ALA A 39 17.48 -7.56 3.63
C ALA A 39 17.76 -6.14 4.09
N THR A 40 17.18 -5.13 3.47
CA THR A 40 17.43 -3.74 3.80
C THR A 40 16.11 -3.06 4.13
N HIS A 41 16.13 -2.24 5.19
CA HIS A 41 14.94 -1.53 5.66
C HIS A 41 15.12 -0.03 5.44
N ARG A 42 14.13 0.59 4.81
CA ARG A 42 14.17 2.00 4.48
C ARG A 42 13.39 2.81 5.51
N LEU A 43 13.95 3.94 5.91
CA LEU A 43 13.33 4.83 6.88
C LEU A 43 13.24 6.24 6.31
N LEU A 44 12.26 6.99 6.76
CA LEU A 44 12.08 8.39 6.39
C LEU A 44 12.31 9.27 7.60
N LEU A 45 13.17 10.28 7.44
CA LEU A 45 13.45 11.24 8.50
C LEU A 45 12.64 12.51 8.22
N LEU A 46 11.84 12.93 9.20
CA LEU A 46 10.90 14.02 9.01
C LEU A 46 10.77 14.82 10.29
N GLY A 47 10.27 16.03 10.16
CA GLY A 47 9.99 16.86 11.31
C GLY A 47 10.14 18.33 10.96
N ALA A 48 10.08 19.17 11.98
CA ALA A 48 10.23 20.60 11.82
C ALA A 48 11.69 20.96 11.57
N GLY A 49 11.91 22.17 11.05
CA GLY A 49 13.25 22.60 10.70
C GLY A 49 14.12 23.01 11.88
N GLU A 50 13.51 23.34 13.02
CA GLU A 50 14.26 23.80 14.18
C GLU A 50 14.69 22.67 15.11
N SER A 51 14.26 21.43 14.84
CA SER A 51 14.64 20.32 15.69
C SER A 51 16.03 19.81 15.32
N GLY A 52 16.50 18.81 16.06
CA GLY A 52 17.82 18.27 15.82
C GLY A 52 17.86 17.22 14.73
N LYS A 53 17.74 17.65 13.48
CA LYS A 53 17.83 16.71 12.36
C LYS A 53 19.25 16.17 12.22
N ASN A 54 20.24 17.05 12.27
CA ASN A 54 21.63 16.62 12.18
C ASN A 54 22.08 15.88 13.43
N THR A 55 21.40 16.08 14.57
CA THR A 55 21.75 15.36 15.78
C THR A 55 21.51 13.87 15.64
N ILE A 56 20.37 13.49 15.04
CA ILE A 56 20.07 12.08 14.81
C ILE A 56 21.01 11.50 13.76
N VAL A 57 21.34 12.28 12.73
CA VAL A 57 22.19 11.80 11.65
C VAL A 57 23.62 11.61 12.13
N LYS A 58 24.13 12.57 12.90
CA LYS A 58 25.54 12.52 13.33
C LYS A 58 25.80 11.48 14.41
N GLN A 59 24.76 10.84 14.96
CA GLN A 59 24.96 9.78 15.93
C GLN A 59 25.60 8.54 15.30
N MET A 60 25.54 8.41 13.98
CA MET A 60 26.20 7.32 13.27
C MET A 60 27.51 7.75 12.63
N ARG A 61 27.54 8.91 11.99
CA ARG A 61 28.74 9.41 11.33
C ARG A 61 29.82 9.80 12.36
N THR A 204 21.36 21.69 -2.43
CA THR A 204 21.16 21.49 -3.86
C THR A 204 20.54 20.13 -4.14
N SER A 205 21.04 19.10 -3.47
CA SER A 205 20.52 17.76 -3.65
C SER A 205 19.09 17.68 -3.10
N GLY A 206 18.22 17.00 -3.85
CA GLY A 206 16.83 16.87 -3.45
C GLY A 206 16.57 15.84 -2.38
N ILE A 207 17.52 14.94 -2.12
CA ILE A 207 17.36 13.90 -1.12
C ILE A 207 18.74 13.55 -0.57
N PHE A 208 18.77 13.21 0.72
CA PHE A 208 20.00 12.81 1.40
C PHE A 208 19.80 11.43 2.01
N GLU A 209 20.83 10.60 1.93
CA GLU A 209 20.76 9.23 2.40
C GLU A 209 21.82 8.98 3.47
N THR A 210 21.43 8.28 4.53
CA THR A 210 22.32 7.87 5.59
C THR A 210 22.23 6.36 5.77
N LYS A 211 23.37 5.69 5.76
CA LYS A 211 23.43 4.24 5.87
C LYS A 211 24.10 3.85 7.18
N PHE A 212 23.47 2.94 7.92
CA PHE A 212 24.06 2.40 9.14
C PHE A 212 23.58 0.96 9.31
N GLN A 213 24.32 0.21 10.11
CA GLN A 213 24.07 -1.21 10.31
C GLN A 213 24.04 -1.52 11.80
N VAL A 214 22.95 -2.14 12.26
CA VAL A 214 22.78 -2.53 13.65
C VAL A 214 22.52 -4.03 13.67
N ASP A 215 23.41 -4.78 14.33
CA ASP A 215 23.33 -6.23 14.46
C ASP A 215 23.23 -6.91 13.09
N LYS A 216 24.10 -6.47 12.17
CA LYS A 216 24.19 -7.00 10.81
C LYS A 216 22.88 -6.83 10.04
N VAL A 217 22.14 -5.75 10.32
CA VAL A 217 20.94 -5.41 9.58
C VAL A 217 21.11 -4.02 9.01
N ASN A 218 20.94 -3.88 7.70
CA ASN A 218 21.20 -2.62 7.01
C ASN A 218 19.96 -1.74 7.00
N PHE A 219 20.15 -0.46 7.30
CA PHE A 219 19.09 0.54 7.32
C PHE A 219 19.43 1.69 6.38
N HIS A 220 18.44 2.16 5.64
CA HIS A 220 18.55 3.40 4.87
C HIS A 220 17.65 4.45 5.49
N MET A 221 18.22 5.60 5.82
CA MET A 221 17.46 6.73 6.33
C MET A 221 17.56 7.87 5.32
N PHE A 222 16.40 8.43 4.96
CA PHE A 222 16.33 9.44 3.91
C PHE A 222 15.87 10.76 4.50
N ASP A 223 16.59 11.82 4.19
CA ASP A 223 16.27 13.17 4.64
C ASP A 223 15.91 14.03 3.44
N VAL A 224 14.79 14.73 3.54
CA VAL A 224 14.28 15.54 2.44
C VAL A 224 15.06 16.85 2.41
N GLY A 225 15.93 17.00 1.42
CA GLY A 225 16.82 18.14 1.35
C GLY A 225 16.22 19.43 0.80
N ALA A 226 15.87 19.43 -0.48
CA ALA A 226 15.43 20.63 -1.18
C ALA A 226 14.05 20.39 -1.78
N GLN A 227 13.02 20.59 -0.97
CA GLN A 227 11.64 20.52 -1.41
C GLN A 227 10.85 21.63 -0.75
N ARG A 228 9.77 22.04 -1.41
CA ARG A 228 8.91 23.08 -0.85
C ARG A 228 8.13 22.52 0.34
N ASP A 229 7.55 23.44 1.12
CA ASP A 229 6.83 23.05 2.32
C ASP A 229 5.49 22.39 2.02
N GLU A 230 5.05 22.38 0.77
CA GLU A 230 3.83 21.67 0.38
C GLU A 230 4.17 20.20 0.21
N ARG A 231 3.84 19.40 1.22
CA ARG A 231 4.24 18.00 1.27
C ARG A 231 3.15 17.04 0.82
N ARG A 232 1.99 17.52 0.41
CA ARG A 232 0.85 16.63 0.18
C ARG A 232 1.01 15.75 -1.06
N LYS A 233 2.02 15.98 -1.89
CA LYS A 233 2.23 15.19 -3.09
C LYS A 233 3.41 14.24 -3.01
N TRP A 234 4.55 14.68 -2.48
CA TRP A 234 5.71 13.80 -2.42
C TRP A 234 5.78 12.96 -1.15
N ILE A 235 4.87 13.16 -0.19
CA ILE A 235 4.83 12.30 0.98
C ILE A 235 4.26 10.93 0.67
N GLN A 236 3.64 10.76 -0.51
CA GLN A 236 3.09 9.47 -0.90
C GLN A 236 4.16 8.49 -1.36
N CYS A 237 5.38 8.95 -1.60
CA CYS A 237 6.46 8.06 -2.01
C CYS A 237 7.00 7.23 -0.86
N PHE A 238 6.65 7.56 0.38
CA PHE A 238 7.18 6.90 1.57
C PHE A 238 6.09 6.12 2.29
N ASN A 239 5.21 5.46 1.52
CA ASN A 239 4.14 4.68 2.10
C ASN A 239 4.51 3.22 2.35
N ASP A 240 5.64 2.75 1.82
CA ASP A 240 6.08 1.38 1.99
C ASP A 240 7.35 1.28 2.84
N VAL A 241 7.76 2.37 3.49
CA VAL A 241 8.92 2.30 4.37
C VAL A 241 8.56 1.53 5.64
N THR A 242 9.60 1.04 6.32
CA THR A 242 9.39 0.30 7.57
C THR A 242 8.80 1.21 8.64
N ALA A 243 9.33 2.43 8.76
CA ALA A 243 8.83 3.38 9.74
C ALA A 243 9.15 4.78 9.27
N ILE A 244 8.41 5.74 9.81
CA ILE A 244 8.66 7.16 9.60
C ILE A 244 9.18 7.74 10.90
N ILE A 245 10.37 8.30 10.87
CA ILE A 245 10.99 8.88 12.06
C ILE A 245 10.58 10.34 12.14
N PHE A 246 9.75 10.67 13.12
CA PHE A 246 9.21 12.02 13.30
C PHE A 246 9.92 12.64 14.51
N VAL A 247 10.71 13.68 14.25
CA VAL A 247 11.48 14.35 15.30
C VAL A 247 10.79 15.65 15.65
N VAL A 248 10.49 15.82 16.94
CA VAL A 248 9.75 16.98 17.44
C VAL A 248 10.61 17.68 18.48
N ALA A 249 10.79 19.00 18.31
CA ALA A 249 11.44 19.82 19.32
C ALA A 249 10.46 20.03 20.47
N SER A 250 10.56 19.20 21.50
CA SER A 250 9.59 19.21 22.59
C SER A 250 9.68 20.47 23.43
N SER A 251 10.81 21.18 23.41
CA SER A 251 10.95 22.39 24.20
C SER A 251 10.20 23.57 23.60
N SER A 252 9.83 23.51 22.32
CA SER A 252 9.20 24.64 21.65
C SER A 252 7.69 24.61 21.79
N TYR A 253 7.20 24.47 23.03
CA TYR A 253 5.76 24.60 23.27
C TYR A 253 5.31 26.04 23.07
N ASN A 254 6.14 27.00 23.46
CA ASN A 254 5.91 28.41 23.21
C ASN A 254 7.15 28.98 22.53
N MET A 255 6.95 29.58 21.35
CA MET A 255 8.07 30.11 20.58
C MET A 255 7.60 31.31 19.78
N VAL A 256 8.57 32.10 19.32
CA VAL A 256 8.28 33.28 18.52
C VAL A 256 7.83 32.89 17.11
N THR A 263 5.11 30.42 15.33
CA THR A 263 4.70 30.68 16.71
C THR A 263 4.70 29.39 17.53
N ASN A 264 3.54 28.73 17.55
CA ASN A 264 3.40 27.45 18.26
C ASN A 264 4.02 26.36 17.39
N ARG A 265 5.29 26.06 17.64
CA ARG A 265 5.96 25.02 16.87
C ARG A 265 5.47 23.63 17.24
N LEU A 266 4.94 23.47 18.46
CA LEU A 266 4.45 22.17 18.88
C LEU A 266 3.10 21.86 18.22
N GLN A 267 2.23 22.87 18.10
CA GLN A 267 0.95 22.65 17.43
C GLN A 267 1.12 22.41 15.94
N ALA A 268 2.13 23.03 15.33
CA ALA A 268 2.44 22.75 13.93
C ALA A 268 2.90 21.31 13.74
N ALA A 269 3.67 20.79 14.71
CA ALA A 269 4.09 19.40 14.64
C ALA A 269 2.93 18.45 14.92
N LEU A 270 2.02 18.85 15.81
CA LEU A 270 0.85 18.03 16.09
C LEU A 270 -0.08 17.95 14.89
N LYS A 271 -0.26 19.07 14.19
CA LYS A 271 -1.11 19.07 13.00
C LYS A 271 -0.45 18.29 11.86
N LEU A 272 0.87 18.39 11.73
CA LEU A 272 1.58 17.60 10.73
C LEU A 272 1.50 16.12 11.04
N PHE A 273 1.62 15.74 12.32
CA PHE A 273 1.49 14.34 12.70
C PHE A 273 0.07 13.82 12.50
N ASP A 274 -0.94 14.69 12.68
CA ASP A 274 -2.32 14.29 12.47
C ASP A 274 -2.58 13.95 11.00
N SER A 275 -2.02 14.74 10.09
CA SER A 275 -2.22 14.48 8.66
C SER A 275 -1.50 13.22 8.21
N ILE A 276 -0.30 12.98 8.74
CA ILE A 276 0.45 11.77 8.39
C ILE A 276 -0.27 10.53 8.92
N TRP A 277 -0.78 10.61 10.15
CA TRP A 277 -1.45 9.47 10.77
C TRP A 277 -2.73 9.10 10.03
N ASN A 278 -3.48 10.10 9.56
CA ASN A 278 -4.80 9.89 8.98
C ASN A 278 -4.79 9.91 7.46
N ASN A 279 -3.63 9.99 6.82
CA ASN A 279 -3.57 9.93 5.37
C ASN A 279 -3.90 8.53 4.89
N LYS A 280 -4.67 8.45 3.80
CA LYS A 280 -5.18 7.16 3.34
C LYS A 280 -4.07 6.26 2.81
N TRP A 281 -2.98 6.83 2.33
CA TRP A 281 -1.86 6.03 1.85
C TRP A 281 -0.84 5.75 2.94
N LEU A 282 -0.95 6.39 4.10
CA LEU A 282 -0.03 6.19 5.21
C LEU A 282 -0.71 5.52 6.41
N ARG A 283 -1.85 4.88 6.19
CA ARG A 283 -2.58 4.22 7.28
C ARG A 283 -1.96 2.90 7.71
N ASP A 284 -1.01 2.36 6.94
CA ASP A 284 -0.33 1.13 7.29
C ASP A 284 1.13 1.35 7.66
N THR A 285 1.57 2.61 7.76
CA THR A 285 2.96 2.94 8.05
C THR A 285 3.08 3.37 9.51
N SER A 286 3.96 2.70 10.24
CA SER A 286 4.20 3.03 11.64
C SER A 286 5.11 4.25 11.74
N VAL A 287 4.96 4.99 12.83
CA VAL A 287 5.72 6.21 13.07
C VAL A 287 6.50 6.06 14.36
N ILE A 288 7.81 6.31 14.28
CA ILE A 288 8.66 6.34 15.46
C ILE A 288 8.84 7.80 15.86
N LEU A 289 8.35 8.15 17.04
CA LEU A 289 8.29 9.53 17.49
C LEU A 289 9.45 9.81 18.44
N PHE A 290 10.28 10.79 18.09
CA PHE A 290 11.41 11.20 18.90
C PHE A 290 11.15 12.61 19.41
N LEU A 291 10.93 12.74 20.71
CA LEU A 291 10.70 14.04 21.33
C LEU A 291 12.05 14.57 21.82
N ASN A 292 12.65 15.43 21.00
CA ASN A 292 14.00 15.91 21.25
C ASN A 292 13.99 17.07 22.25
N LYS A 293 15.19 17.60 22.51
CA LYS A 293 15.40 18.79 23.35
C LYS A 293 14.88 18.57 24.77
N GLN A 294 15.44 17.56 25.43
CA GLN A 294 15.11 17.32 26.83
C GLN A 294 15.77 18.34 27.74
N ASP A 295 17.04 18.68 27.46
CA ASP A 295 17.75 19.66 28.27
C ASP A 295 17.15 21.05 28.12
N LEU A 296 16.74 21.43 26.91
CA LEU A 296 16.11 22.73 26.70
C LEU A 296 14.74 22.79 27.37
N LEU A 297 13.99 21.69 27.33
CA LEU A 297 12.70 21.64 28.00
C LEU A 297 12.86 21.74 29.52
N ALA A 298 13.89 21.09 30.07
CA ALA A 298 14.12 21.14 31.52
C ALA A 298 14.51 22.54 31.96
N GLU A 299 15.30 23.24 31.16
CA GLU A 299 15.70 24.60 31.50
C GLU A 299 14.52 25.56 31.47
N LYS A 300 13.60 25.38 30.51
CA LYS A 300 12.47 26.29 30.37
C LYS A 300 11.45 26.10 31.48
N VAL A 301 11.12 24.85 31.81
CA VAL A 301 10.08 24.58 32.80
C VAL A 301 10.55 24.95 34.21
N LEU A 302 11.79 24.57 34.56
CA LEU A 302 12.28 24.78 35.91
C LEU A 302 12.48 26.25 36.22
N ALA A 303 12.98 27.03 35.26
CA ALA A 303 13.25 28.45 35.49
C ALA A 303 11.97 29.27 35.65
N GLY A 304 10.82 28.73 35.23
CA GLY A 304 9.56 29.42 35.36
C GLY A 304 9.23 30.38 34.25
N LYS A 305 10.14 30.58 33.29
CA LYS A 305 9.85 31.46 32.16
C LYS A 305 8.83 30.81 31.23
N SER A 306 8.03 31.65 30.58
CA SER A 306 6.93 31.25 29.71
C SER A 306 5.94 30.34 30.43
N LYS A 307 5.16 29.58 29.66
CA LYS A 307 4.18 28.67 30.24
C LYS A 307 3.74 27.69 29.16
N ILE A 308 3.23 26.55 29.61
CA ILE A 308 2.64 25.55 28.72
C ILE A 308 1.13 25.70 28.64
N GLU A 309 0.48 26.03 29.77
CA GLU A 309 -0.97 26.10 29.80
C GLU A 309 -1.54 27.31 29.09
N ASP A 310 -0.71 28.30 28.72
CA ASP A 310 -1.21 29.39 27.90
C ASP A 310 -1.48 28.94 26.47
N TYR A 311 -0.72 27.95 25.98
CA TYR A 311 -0.93 27.36 24.67
C TYR A 311 -1.60 26.00 24.74
N PHE A 312 -1.78 25.45 25.94
CA PHE A 312 -2.42 24.14 26.11
C PHE A 312 -3.19 24.16 27.43
N PRO A 313 -4.42 24.68 27.41
CA PRO A 313 -5.16 24.88 28.68
C PRO A 313 -5.48 23.61 29.43
N GLU A 314 -5.41 22.45 28.79
CA GLU A 314 -5.64 21.18 29.48
C GLU A 314 -4.46 20.76 30.35
N PHE A 315 -3.32 21.47 30.28
CA PHE A 315 -2.17 21.15 31.10
C PHE A 315 -2.41 21.45 32.58
N ALA A 316 -3.35 22.35 32.90
CA ALA A 316 -3.60 22.69 34.30
C ALA A 316 -4.23 21.52 35.05
N ARG A 317 -5.13 20.79 34.41
CA ARG A 317 -5.83 19.68 35.04
C ARG A 317 -5.23 18.32 34.69
N TYR A 318 -4.04 18.31 34.10
CA TYR A 318 -3.37 17.07 33.73
C TYR A 318 -2.48 16.59 34.87
N THR A 319 -2.49 15.28 35.09
CA THR A 319 -1.68 14.66 36.13
C THR A 319 -0.71 13.66 35.50
N THR A 320 0.27 13.24 36.30
CA THR A 320 1.24 12.27 35.84
C THR A 320 0.58 10.91 35.65
N PRO A 321 0.84 10.21 34.55
CA PRO A 321 0.29 8.86 34.39
C PRO A 321 0.86 7.89 35.42
N GLU A 322 0.06 6.89 35.78
CA GLU A 322 0.51 5.88 36.73
C GLU A 322 1.67 5.08 36.18
N ASP A 323 1.61 4.71 34.91
CA ASP A 323 2.69 3.96 34.26
C ASP A 323 3.73 4.94 33.71
N ALA A 324 4.45 5.56 34.64
CA ALA A 324 5.48 6.54 34.33
C ALA A 324 6.82 6.07 34.89
N THR A 325 7.88 6.39 34.17
CA THR A 325 9.25 6.03 34.56
C THR A 325 10.10 7.28 34.54
N PRO A 326 10.00 8.12 35.59
CA PRO A 326 10.83 9.33 35.63
C PRO A 326 12.30 8.99 35.85
N GLU A 327 13.16 9.75 35.18
CA GLU A 327 14.59 9.58 35.38
C GLU A 327 14.98 10.10 36.76
N PRO A 328 16.00 9.52 37.39
CA PRO A 328 16.39 9.95 38.73
C PRO A 328 16.92 11.37 38.76
N GLY A 329 16.70 12.03 39.89
CA GLY A 329 17.17 13.39 40.10
C GLY A 329 16.49 14.45 39.26
N GLU A 330 15.18 14.35 39.08
CA GLU A 330 14.43 15.37 38.36
C GLU A 330 13.13 15.66 39.10
N ASP A 331 12.81 16.95 39.22
CA ASP A 331 11.60 17.38 39.91
C ASP A 331 10.36 16.97 39.11
N PRO A 332 9.21 16.76 39.78
CA PRO A 332 7.97 16.39 39.08
C PRO A 332 7.25 17.57 38.42
N ARG A 333 8.01 18.40 37.71
CA ARG A 333 7.48 19.45 36.87
C ARG A 333 7.97 19.34 35.43
N VAL A 334 9.25 19.03 35.24
CA VAL A 334 9.75 18.74 33.89
C VAL A 334 9.20 17.40 33.41
N THR A 335 8.99 16.44 34.32
CA THR A 335 8.44 15.14 33.95
C THR A 335 7.02 15.26 33.40
N ARG A 336 6.19 16.10 34.04
CA ARG A 336 4.84 16.31 33.53
C ARG A 336 4.86 17.06 32.20
N ALA A 337 5.88 17.88 31.96
CA ALA A 337 5.99 18.57 30.68
C ALA A 337 6.26 17.58 29.55
N LYS A 338 7.08 16.55 29.80
CA LYS A 338 7.36 15.57 28.78
C LYS A 338 6.16 14.68 28.50
N TYR A 339 5.47 14.24 29.56
CA TYR A 339 4.39 13.27 29.40
C TYR A 339 3.13 13.90 28.84
N PHE A 340 2.87 15.18 29.13
CA PHE A 340 1.74 15.86 28.53
C PHE A 340 1.92 16.00 27.02
N ILE A 341 3.14 16.34 26.59
CA ILE A 341 3.42 16.45 25.15
C ILE A 341 3.36 15.07 24.49
N ARG A 342 3.83 14.04 25.18
CA ARG A 342 3.72 12.68 24.67
C ARG A 342 2.27 12.25 24.55
N ASP A 343 1.44 12.60 25.54
CA ASP A 343 0.03 12.22 25.50
C ASP A 343 -0.75 13.01 24.44
N GLU A 344 -0.27 14.19 24.06
CA GLU A 344 -0.90 14.92 22.96
C GLU A 344 -0.74 14.17 21.65
N PHE A 345 0.44 13.57 21.41
CA PHE A 345 0.63 12.76 20.22
C PHE A 345 -0.06 11.40 20.34
N LEU A 346 -0.19 10.89 21.56
CA LEU A 346 -0.81 9.58 21.76
C LEU A 346 -2.33 9.65 21.62
N ARG A 347 -2.94 10.80 21.89
CA ARG A 347 -4.38 10.94 21.68
C ARG A 347 -4.74 10.88 20.20
N ILE A 348 -3.86 11.39 19.34
CA ILE A 348 -4.08 11.28 17.90
C ILE A 348 -3.93 9.83 17.44
N SER A 349 -2.93 9.13 17.97
CA SER A 349 -2.62 7.80 17.48
C SER A 349 -3.65 6.77 17.94
N THR A 350 -4.16 6.92 19.16
CA THR A 350 -5.12 5.95 19.70
C THR A 350 -6.53 6.17 19.20
N ALA A 351 -6.80 7.26 18.47
CA ALA A 351 -8.16 7.52 18.01
C ALA A 351 -8.49 6.72 16.75
N SER A 352 -7.53 6.63 15.80
CA SER A 352 -7.78 6.05 14.49
C SER A 352 -6.65 5.07 14.13
N GLY A 353 -6.32 4.18 15.06
CA GLY A 353 -5.27 3.22 14.81
C GLY A 353 -5.76 1.96 14.11
N ASP A 354 -6.81 1.35 14.66
CA ASP A 354 -7.51 0.18 14.12
C ASP A 354 -6.60 -1.05 13.95
N GLY A 355 -5.44 -1.07 14.59
CA GLY A 355 -4.56 -2.21 14.51
C GLY A 355 -3.74 -2.32 13.24
N ARG A 356 -3.68 -1.26 12.43
CA ARG A 356 -2.92 -1.26 11.19
C ARG A 356 -1.51 -0.74 11.36
N HIS A 357 -1.33 0.29 12.19
CA HIS A 357 -0.04 0.92 12.38
C HIS A 357 0.03 1.46 13.80
N TYR A 358 1.26 1.63 14.30
CA TYR A 358 1.50 1.92 15.70
C TYR A 358 2.49 3.07 15.82
N CYS A 359 2.45 3.75 16.96
CA CYS A 359 3.34 4.87 17.26
C CYS A 359 4.24 4.50 18.42
N TYR A 360 5.53 4.78 18.27
CA TYR A 360 6.54 4.45 19.28
C TYR A 360 7.21 5.73 19.76
N PRO A 361 6.76 6.32 20.87
CA PRO A 361 7.37 7.56 21.34
C PRO A 361 8.61 7.30 22.20
N HIS A 362 9.60 8.18 22.05
CA HIS A 362 10.84 8.09 22.81
C HIS A 362 11.28 9.49 23.22
N PHE A 363 11.95 9.57 24.37
CA PHE A 363 12.48 10.83 24.89
C PHE A 363 13.96 10.91 24.57
N THR A 364 14.26 11.26 23.32
CA THR A 364 15.65 11.36 22.90
C THR A 364 16.28 12.67 23.35
N CYS A 365 17.61 12.71 23.30
CA CYS A 365 18.36 13.91 23.64
C CYS A 365 19.59 13.98 22.73
N ALA A 366 20.40 15.01 22.91
CA ALA A 366 21.58 15.21 22.09
C ALA A 366 22.79 14.40 22.56
N VAL A 367 22.74 13.82 23.75
CA VAL A 367 23.88 13.10 24.32
C VAL A 367 23.53 11.65 24.63
N ASP A 368 22.42 11.14 24.10
CA ASP A 368 22.02 9.77 24.37
C ASP A 368 22.95 8.78 23.67
N THR A 369 23.23 9.00 22.38
CA THR A 369 24.09 8.15 21.55
C THR A 369 23.63 6.68 21.54
N GLU A 370 22.32 6.46 21.70
CA GLU A 370 21.77 5.11 21.66
C GLU A 370 20.45 5.04 20.91
N ASN A 371 20.15 6.05 20.09
CA ASN A 371 18.90 6.06 19.35
C ASN A 371 18.86 5.01 18.25
N ILE A 372 20.02 4.55 17.77
CA ILE A 372 20.04 3.50 16.76
C ILE A 372 19.57 2.18 17.35
N ARG A 373 19.79 1.96 18.64
CA ARG A 373 19.29 0.74 19.28
C ARG A 373 17.78 0.79 19.46
N ARG A 374 17.24 1.97 19.78
CA ARG A 374 15.80 2.09 19.95
C ARG A 374 15.06 2.01 18.61
N VAL A 375 15.66 2.56 17.56
CA VAL A 375 15.08 2.41 16.22
C VAL A 375 15.09 0.95 15.79
N PHE A 376 16.19 0.25 16.10
CA PHE A 376 16.29 -1.18 15.76
C PHE A 376 15.24 -2.00 16.50
N ASN A 377 15.03 -1.71 17.79
CA ASN A 377 14.07 -2.48 18.57
C ASN A 377 12.64 -2.22 18.11
N ASP A 378 12.31 -0.96 17.78
CA ASP A 378 10.98 -0.65 17.30
C ASP A 378 10.75 -1.22 15.90
N CYS A 379 11.77 -1.16 15.04
CA CYS A 379 11.65 -1.76 13.72
C CYS A 379 11.53 -3.28 13.81
N ARG A 380 12.13 -3.89 14.83
CA ARG A 380 11.95 -5.32 15.06
C ARG A 380 10.51 -5.62 15.46
N ASP A 381 9.90 -4.73 16.25
CA ASP A 381 8.52 -4.94 16.68
C ASP A 381 7.53 -4.67 15.54
N ILE A 382 7.85 -3.75 14.64
CA ILE A 382 6.99 -3.48 13.49
C ILE A 382 6.91 -4.70 12.59
N ILE A 383 8.06 -5.31 12.30
CA ILE A 383 8.11 -6.48 11.43
C ILE A 383 7.38 -7.67 12.05
N GLN A 384 7.47 -7.81 13.38
CA GLN A 384 6.80 -8.91 14.06
C GLN A 384 5.28 -8.85 13.87
N ARG A 385 4.70 -7.66 14.04
CA ARG A 385 3.26 -7.52 13.91
C ARG A 385 2.81 -7.56 12.46
N MET A 386 3.69 -7.24 11.51
CA MET A 386 3.36 -7.48 10.11
C MET A 386 3.29 -8.97 9.81
N HIS A 387 4.15 -9.76 10.45
CA HIS A 387 4.13 -11.20 10.27
C HIS A 387 2.93 -11.85 10.96
N LEU A 388 2.36 -11.20 11.97
CA LEU A 388 1.21 -11.76 12.67
C LEU A 388 -0.06 -11.65 11.85
N ARG A 389 -0.14 -10.72 10.91
CA ARG A 389 -1.34 -10.53 10.10
C ARG A 389 -1.57 -11.65 9.10
N GLN A 390 -0.56 -12.49 8.86
CA GLN A 390 -0.73 -13.60 7.93
C GLN A 390 -1.43 -14.80 8.54
N TYR A 391 -1.61 -14.82 9.87
CA TYR A 391 -2.26 -15.93 10.54
C TYR A 391 -3.77 -15.72 10.68
N GLU A 392 -4.30 -14.63 10.15
CA GLU A 392 -5.75 -14.43 10.04
C GLU A 392 -6.11 -14.71 8.59
N LEU A 393 -6.31 -16.00 8.30
CA LEU A 393 -6.52 -16.44 6.93
C LEU A 393 -7.83 -15.90 6.37
N LEU A 394 -8.90 -15.92 7.17
CA LEU A 394 -10.21 -15.53 6.70
C LEU A 394 -10.71 -14.28 7.42
N SER B 7 -3.10 52.12 -1.01
CA SER B 7 -4.11 51.36 -1.73
C SER B 7 -3.62 51.00 -3.14
N GLU B 8 -2.30 51.04 -3.32
CA GLU B 8 -1.73 50.70 -4.62
C GLU B 8 -1.82 49.21 -4.89
N LEU B 9 -1.65 48.39 -3.86
CA LEU B 9 -1.86 46.94 -4.02
C LEU B 9 -3.33 46.63 -4.29
N ASP B 10 -4.24 47.36 -3.64
CA ASP B 10 -5.67 47.17 -3.88
C ASP B 10 -6.06 47.59 -5.29
N GLN B 11 -5.41 48.63 -5.83
CA GLN B 11 -5.71 49.05 -7.20
C GLN B 11 -5.31 47.98 -8.21
N LEU B 12 -4.17 47.32 -7.98
CA LEU B 12 -3.77 46.22 -8.86
C LEU B 12 -4.68 45.02 -8.71
N ARG B 13 -5.25 44.81 -7.51
CA ARG B 13 -6.18 43.71 -7.31
C ARG B 13 -7.54 44.00 -7.92
N GLN B 14 -7.97 45.27 -7.94
CA GLN B 14 -9.24 45.61 -8.56
C GLN B 14 -9.19 45.42 -10.07
N GLU B 15 -8.07 45.80 -10.70
CA GLU B 15 -7.93 45.60 -12.14
C GLU B 15 -7.84 44.12 -12.48
N ALA B 16 -7.21 43.32 -11.63
CA ALA B 16 -7.20 41.87 -11.84
C ALA B 16 -8.60 41.28 -11.73
N GLU B 17 -9.38 41.76 -10.76
CA GLU B 17 -10.75 41.28 -10.62
C GLU B 17 -11.64 41.77 -11.75
N GLN B 18 -11.39 42.98 -12.25
CA GLN B 18 -12.17 43.50 -13.37
C GLN B 18 -11.87 42.74 -14.65
N LEU B 19 -10.59 42.39 -14.88
CA LEU B 19 -10.22 41.64 -16.08
C LEU B 19 -10.76 40.22 -16.03
N LYS B 20 -10.90 39.63 -14.84
CA LYS B 20 -11.47 38.30 -14.73
C LYS B 20 -12.95 38.28 -15.08
N ASN B 21 -13.67 39.35 -14.78
CA ASN B 21 -15.08 39.44 -15.17
C ASN B 21 -15.23 39.61 -16.68
N GLN B 22 -14.30 40.34 -17.31
CA GLN B 22 -14.35 40.50 -18.76
C GLN B 22 -14.11 39.17 -19.47
N ILE B 23 -13.18 38.37 -18.96
CA ILE B 23 -12.93 37.05 -19.55
C ILE B 23 -14.13 36.14 -19.34
N ARG B 24 -14.75 36.21 -18.16
CA ARG B 24 -15.91 35.37 -17.87
C ARG B 24 -17.10 35.73 -18.74
N ASP B 25 -17.30 37.02 -19.01
CA ASP B 25 -18.41 37.44 -19.85
C ASP B 25 -18.17 37.05 -21.30
N ALA B 26 -16.92 37.11 -21.76
CA ALA B 26 -16.61 36.71 -23.13
C ALA B 26 -16.78 35.21 -23.31
N ARG B 27 -16.48 34.42 -22.28
CA ARG B 27 -16.73 32.98 -22.36
C ARG B 27 -18.22 32.69 -22.35
N LYS B 28 -19.00 33.43 -21.56
CA LYS B 28 -20.45 33.23 -21.52
C LYS B 28 -21.11 33.65 -22.81
N ALA B 29 -20.56 34.65 -23.51
CA ALA B 29 -21.14 35.10 -24.77
C ALA B 29 -21.00 34.04 -25.86
N CYS B 30 -19.94 33.24 -25.81
CA CYS B 30 -19.71 32.19 -26.79
C CYS B 30 -20.39 30.88 -26.44
N ALA B 31 -20.96 30.77 -25.23
CA ALA B 31 -21.60 29.52 -24.79
C ALA B 31 -23.07 29.51 -25.22
N ASP B 32 -23.26 29.45 -26.54
CA ASP B 32 -24.61 29.41 -27.10
C ASP B 32 -25.27 28.05 -26.96
N ALA B 33 -24.48 26.99 -26.83
CA ALA B 33 -25.01 25.64 -26.68
C ALA B 33 -24.05 24.84 -25.81
N THR B 34 -24.28 23.53 -25.74
CA THR B 34 -23.41 22.63 -24.99
C THR B 34 -23.11 21.41 -25.85
N LEU B 35 -22.01 20.74 -25.50
CA LEU B 35 -21.62 19.53 -26.23
C LEU B 35 -22.63 18.40 -26.04
N SER B 36 -23.29 18.36 -24.87
CA SER B 36 -24.28 17.32 -24.64
C SER B 36 -25.55 17.54 -25.44
N GLN B 37 -25.86 18.79 -25.78
CA GLN B 37 -27.02 19.06 -26.62
C GLN B 37 -26.75 18.68 -28.08
N ILE B 38 -25.54 18.98 -28.57
CA ILE B 38 -25.23 18.73 -29.97
C ILE B 38 -25.08 17.24 -30.23
N THR B 39 -24.45 16.51 -29.31
CA THR B 39 -24.26 15.07 -29.46
C THR B 39 -25.39 14.26 -28.86
N ASN B 40 -26.60 14.82 -28.79
CA ASN B 40 -27.72 14.11 -28.18
C ASN B 40 -28.27 13.01 -29.09
N ASN B 41 -28.22 13.20 -30.41
CA ASN B 41 -28.86 12.29 -31.34
C ASN B 41 -27.90 11.27 -31.95
N ILE B 42 -26.64 11.23 -31.52
CA ILE B 42 -25.71 10.24 -32.04
C ILE B 42 -25.92 8.92 -31.32
N ASP B 43 -25.44 7.84 -31.95
CA ASP B 43 -25.60 6.52 -31.38
C ASP B 43 -24.72 6.35 -30.15
N PRO B 44 -25.18 5.61 -29.14
CA PRO B 44 -24.33 5.33 -27.98
C PRO B 44 -23.18 4.42 -28.35
N VAL B 45 -22.09 4.51 -27.57
CA VAL B 45 -20.90 3.72 -27.82
C VAL B 45 -21.13 2.25 -27.53
N GLY B 46 -22.11 1.92 -26.70
CA GLY B 46 -22.35 0.55 -26.32
C GLY B 46 -21.50 0.12 -25.15
N ARG B 47 -21.44 -1.20 -24.95
CA ARG B 47 -20.67 -1.79 -23.87
C ARG B 47 -19.24 -2.07 -24.34
N ILE B 48 -18.27 -1.57 -23.58
CA ILE B 48 -16.85 -1.76 -23.88
C ILE B 48 -16.29 -2.76 -22.90
N GLN B 49 -15.83 -3.91 -23.40
CA GLN B 49 -15.31 -4.99 -22.57
C GLN B 49 -13.91 -5.34 -23.03
N MET B 50 -12.92 -5.06 -22.19
CA MET B 50 -11.52 -5.38 -22.48
C MET B 50 -11.02 -6.42 -21.51
N ARG B 51 -10.18 -7.33 -22.00
CA ARG B 51 -9.58 -8.38 -21.20
C ARG B 51 -8.08 -8.15 -21.09
N THR B 52 -7.50 -8.64 -19.99
CA THR B 52 -6.07 -8.54 -19.80
C THR B 52 -5.35 -9.54 -20.70
N ARG B 53 -4.45 -9.04 -21.55
CA ARG B 53 -3.73 -9.87 -22.49
C ARG B 53 -2.34 -10.26 -21.99
N ARG B 54 -1.61 -9.32 -21.40
CA ARG B 54 -0.29 -9.58 -20.84
C ARG B 54 -0.23 -9.07 -19.42
N THR B 55 0.57 -9.75 -18.59
CA THR B 55 0.91 -9.26 -17.27
C THR B 55 2.43 -9.24 -17.16
N LEU B 56 2.99 -8.07 -16.86
CA LEU B 56 4.43 -7.87 -16.82
C LEU B 56 4.89 -7.86 -15.37
N ARG B 57 5.73 -8.84 -15.01
CA ARG B 57 6.21 -9.01 -13.65
C ARG B 57 7.72 -8.83 -13.62
N GLY B 58 8.22 -8.35 -12.48
CA GLY B 58 9.65 -8.16 -12.32
C GLY B 58 10.03 -6.96 -11.47
N HIS B 59 9.12 -6.01 -11.32
CA HIS B 59 9.36 -4.87 -10.45
C HIS B 59 9.17 -5.28 -9.00
N LEU B 60 10.04 -4.76 -8.13
CA LEU B 60 10.00 -5.13 -6.71
C LEU B 60 9.16 -4.19 -5.87
N ALA B 61 8.85 -2.99 -6.37
CA ALA B 61 8.06 -2.02 -5.62
C ALA B 61 7.02 -1.36 -6.52
N LYS B 62 6.34 -0.35 -5.98
CA LYS B 62 5.25 0.29 -6.71
C LYS B 62 5.76 1.02 -7.95
N ILE B 63 4.94 1.01 -9.00
CA ILE B 63 5.26 1.63 -10.28
C ILE B 63 4.60 3.00 -10.33
N TYR B 64 5.36 4.03 -10.68
CA TYR B 64 4.82 5.38 -10.81
C TYR B 64 4.50 5.78 -12.24
N ALA B 65 5.37 5.48 -13.20
CA ALA B 65 5.20 5.99 -14.55
C ALA B 65 5.52 4.92 -15.58
N MET B 66 4.90 5.06 -16.76
CA MET B 66 5.27 4.28 -17.93
C MET B 66 5.13 5.17 -19.16
N HIS B 67 5.81 4.77 -20.23
CA HIS B 67 5.68 5.45 -21.51
C HIS B 67 5.85 4.44 -22.63
N TRP B 68 4.93 4.47 -23.60
CA TRP B 68 5.03 3.60 -24.76
C TRP B 68 6.06 4.13 -25.74
N GLY B 69 6.68 3.21 -26.48
CA GLY B 69 7.49 3.60 -27.61
C GLY B 69 6.65 3.91 -28.84
N THR B 70 7.26 4.63 -29.79
CA THR B 70 6.55 5.00 -31.00
C THR B 70 6.29 3.81 -31.92
N ASP B 71 6.99 2.69 -31.73
CA ASP B 71 6.72 1.48 -32.50
C ASP B 71 5.59 0.65 -31.91
N SER B 72 5.01 1.08 -30.78
CA SER B 72 3.89 0.43 -30.11
C SER B 72 4.21 -0.99 -29.66
N ARG B 73 5.49 -1.31 -29.48
CA ARG B 73 5.92 -2.62 -29.02
C ARG B 73 6.68 -2.57 -27.72
N LEU B 74 7.62 -1.63 -27.58
CA LEU B 74 8.46 -1.51 -26.40
C LEU B 74 7.95 -0.39 -25.51
N LEU B 75 7.95 -0.64 -24.20
CA LEU B 75 7.57 0.36 -23.22
C LEU B 75 8.58 0.34 -22.08
N VAL B 76 8.71 1.47 -21.41
CA VAL B 76 9.60 1.62 -20.25
C VAL B 76 8.73 1.93 -19.04
N SER B 77 9.11 1.36 -17.89
CA SER B 77 8.39 1.58 -16.65
C SER B 77 9.36 1.97 -15.55
N ALA B 78 8.90 2.80 -14.63
CA ALA B 78 9.71 3.29 -13.52
C ALA B 78 9.08 2.85 -12.21
N SER B 79 9.88 2.22 -11.37
CA SER B 79 9.42 1.76 -10.07
C SER B 79 10.36 2.26 -8.99
N GLN B 80 9.85 2.33 -7.76
CA GLN B 80 10.58 2.92 -6.65
C GLN B 80 11.54 1.93 -5.99
N ASP B 81 11.86 0.83 -6.66
CA ASP B 81 12.96 -0.03 -6.26
C ASP B 81 14.28 0.38 -6.90
N GLY B 82 14.30 1.51 -7.60
CA GLY B 82 15.49 1.99 -8.27
C GLY B 82 15.82 1.28 -9.55
N LYS B 83 14.81 0.92 -10.34
CA LYS B 83 15.02 0.20 -11.59
C LYS B 83 14.19 0.81 -12.71
N LEU B 84 14.79 0.92 -13.88
CA LEU B 84 14.09 1.22 -15.13
C LEU B 84 14.12 -0.02 -15.99
N ILE B 85 12.95 -0.55 -16.34
CA ILE B 85 12.85 -1.78 -17.11
C ILE B 85 12.18 -1.45 -18.44
N ILE B 86 12.80 -1.89 -19.53
CA ILE B 86 12.25 -1.76 -20.88
C ILE B 86 11.75 -3.13 -21.30
N TRP B 87 10.46 -3.23 -21.58
CA TRP B 87 9.82 -4.50 -21.88
C TRP B 87 9.61 -4.65 -23.38
N ASP B 88 9.45 -5.90 -23.80
CA ASP B 88 8.93 -6.25 -25.11
C ASP B 88 7.53 -6.79 -24.87
N SER B 89 6.52 -5.94 -25.07
CA SER B 89 5.15 -6.28 -24.69
C SER B 89 4.57 -7.41 -25.51
N TYR B 90 5.11 -7.70 -26.69
CA TYR B 90 4.59 -8.80 -27.50
C TYR B 90 5.01 -10.15 -26.94
N THR B 91 6.20 -10.24 -26.35
CA THR B 91 6.73 -11.49 -25.82
C THR B 91 6.95 -11.48 -24.31
N THR B 92 6.61 -10.37 -23.63
CA THR B 92 6.81 -10.20 -22.19
C THR B 92 8.26 -10.42 -21.77
N ASN B 93 9.19 -10.01 -22.63
CA ASN B 93 10.61 -10.13 -22.37
C ASN B 93 11.18 -8.80 -21.93
N LYS B 94 12.11 -8.85 -20.98
CA LYS B 94 12.79 -7.65 -20.51
C LYS B 94 14.01 -7.39 -21.38
N VAL B 95 14.04 -6.22 -22.01
CA VAL B 95 15.13 -5.86 -22.91
C VAL B 95 16.29 -5.23 -22.15
N HIS B 96 15.99 -4.27 -21.27
CA HIS B 96 17.00 -3.62 -20.46
C HIS B 96 16.50 -3.51 -19.02
N ALA B 97 17.45 -3.41 -18.11
CA ALA B 97 17.16 -3.14 -16.70
C ALA B 97 18.21 -2.16 -16.21
N ILE B 98 17.81 -0.90 -16.02
CA ILE B 98 18.74 0.18 -15.71
C ILE B 98 18.65 0.44 -14.20
N PRO B 99 19.72 0.20 -13.44
CA PRO B 99 19.74 0.65 -12.04
C PRO B 99 19.94 2.15 -11.96
N LEU B 100 19.22 2.78 -11.04
CA LEU B 100 19.23 4.23 -10.89
C LEU B 100 19.99 4.62 -9.63
N ARG B 101 20.65 5.77 -9.69
CA ARG B 101 21.36 6.30 -8.52
C ARG B 101 20.39 6.65 -7.40
N SER B 102 19.24 7.24 -7.75
CA SER B 102 18.20 7.56 -6.79
C SER B 102 17.04 6.59 -6.95
N SER B 103 16.52 6.10 -5.84
CA SER B 103 15.47 5.10 -5.84
C SER B 103 14.07 5.71 -5.82
N TRP B 104 13.96 7.04 -5.89
CA TRP B 104 12.69 7.73 -5.76
C TRP B 104 12.23 8.33 -7.08
N VAL B 105 12.38 7.56 -8.16
CA VAL B 105 11.96 8.00 -9.49
C VAL B 105 10.45 8.14 -9.53
N MET B 106 9.97 9.24 -10.12
CA MET B 106 8.54 9.52 -10.21
C MET B 106 8.04 9.64 -11.64
N THR B 107 8.93 9.76 -12.63
CA THR B 107 8.50 9.88 -14.02
C THR B 107 9.52 9.20 -14.91
N CYS B 108 9.07 8.84 -16.11
CA CYS B 108 9.94 8.25 -17.11
C CYS B 108 9.40 8.60 -18.49
N ALA B 109 10.31 8.73 -19.45
CA ALA B 109 9.94 9.10 -20.81
C ALA B 109 10.76 8.28 -21.79
N TYR B 110 10.17 8.01 -22.94
CA TYR B 110 10.81 7.28 -24.03
C TYR B 110 10.95 8.22 -25.22
N ALA B 111 12.15 8.31 -25.78
CA ALA B 111 12.37 9.22 -26.89
C ALA B 111 11.66 8.70 -28.15
N PRO B 112 11.08 9.60 -28.95
CA PRO B 112 10.43 9.15 -30.19
C PRO B 112 11.37 8.49 -31.19
N SER B 113 12.67 8.77 -31.12
CA SER B 113 13.64 8.08 -31.96
C SER B 113 14.00 6.70 -31.42
N GLY B 114 13.66 6.40 -30.17
CA GLY B 114 13.97 5.13 -29.58
C GLY B 114 15.38 4.97 -29.05
N ASN B 115 16.18 6.04 -29.07
CA ASN B 115 17.58 5.96 -28.70
C ASN B 115 17.86 6.34 -27.25
N TYR B 116 16.94 7.04 -26.59
CA TYR B 116 17.19 7.55 -25.26
C TYR B 116 15.98 7.31 -24.36
N VAL B 117 16.25 7.25 -23.06
CA VAL B 117 15.22 7.12 -22.03
C VAL B 117 15.57 8.07 -20.90
N ALA B 118 14.60 8.86 -20.47
CA ALA B 118 14.78 9.82 -19.38
C ALA B 118 13.98 9.41 -18.17
N CYS B 119 14.43 9.84 -16.99
CA CYS B 119 13.73 9.58 -15.75
C CYS B 119 14.14 10.63 -14.72
N GLY B 120 13.31 10.78 -13.70
CA GLY B 120 13.58 11.74 -12.64
C GLY B 120 12.65 11.53 -11.48
N GLY B 121 12.94 12.22 -10.39
CA GLY B 121 12.18 12.04 -9.17
C GLY B 121 12.52 13.04 -8.08
N LEU B 122 12.68 12.55 -6.85
CA LEU B 122 12.92 13.42 -5.70
C LEU B 122 14.32 14.02 -5.68
N ASP B 123 15.21 13.58 -6.57
CA ASP B 123 16.56 14.14 -6.64
C ASP B 123 16.63 15.42 -7.46
N ASN B 124 15.50 15.86 -8.03
CA ASN B 124 15.37 17.10 -8.81
C ASN B 124 16.24 17.09 -10.07
N ILE B 125 16.57 15.90 -10.58
CA ILE B 125 17.47 15.75 -11.72
C ILE B 125 16.79 14.87 -12.75
N CYS B 126 16.81 15.31 -14.01
CA CYS B 126 16.37 14.49 -15.13
C CYS B 126 17.60 13.86 -15.78
N SER B 127 17.67 12.53 -15.74
CA SER B 127 18.83 11.78 -16.22
C SER B 127 18.50 11.14 -17.56
N ILE B 128 19.35 11.37 -18.56
CA ILE B 128 19.18 10.81 -19.89
C ILE B 128 20.08 9.60 -20.02
N TYR B 129 19.52 8.50 -20.51
CA TYR B 129 20.24 7.24 -20.65
C TYR B 129 20.35 6.88 -22.13
N ASN B 130 21.56 6.57 -22.57
CA ASN B 130 21.81 6.20 -23.96
C ASN B 130 21.69 4.68 -24.10
N LEU B 131 20.73 4.24 -24.90
CA LEU B 131 20.50 2.81 -25.11
C LEU B 131 21.29 2.24 -26.29
N LYS B 132 21.93 3.08 -27.09
CA LYS B 132 22.60 2.65 -28.32
C LYS B 132 24.11 2.85 -28.23
N THR B 133 24.70 2.57 -27.07
CA THR B 133 26.13 2.69 -26.91
C THR B 133 26.87 1.61 -27.67
N ARG B 134 28.09 1.93 -28.11
CA ARG B 134 28.89 0.96 -28.86
C ARG B 134 29.32 -0.21 -28.00
N GLU B 135 29.53 0.02 -26.70
CA GLU B 135 29.95 -1.06 -25.82
C GLU B 135 28.82 -2.05 -25.57
N GLY B 136 27.57 -1.60 -25.66
CA GLY B 136 26.42 -2.46 -25.44
C GLY B 136 25.73 -2.25 -24.10
N ASN B 137 26.32 -1.47 -23.20
CA ASN B 137 25.73 -1.20 -21.90
C ASN B 137 25.06 0.17 -21.90
N VAL B 138 24.07 0.32 -21.02
CA VAL B 138 23.32 1.56 -20.88
C VAL B 138 23.94 2.38 -19.77
N ARG B 139 24.38 3.59 -20.12
CA ARG B 139 25.02 4.49 -19.16
C ARG B 139 24.32 5.84 -19.20
N VAL B 140 24.58 6.64 -18.17
CA VAL B 140 23.98 7.96 -18.06
C VAL B 140 24.67 8.88 -19.06
N SER B 141 23.98 9.20 -20.16
CA SER B 141 24.56 10.10 -21.16
C SER B 141 24.66 11.51 -20.63
N ARG B 142 23.64 11.99 -19.93
CA ARG B 142 23.58 13.36 -19.46
C ARG B 142 22.54 13.45 -18.35
N GLU B 143 22.86 14.20 -17.29
CA GLU B 143 21.91 14.49 -16.23
C GLU B 143 21.76 16.00 -16.11
N LEU B 144 20.51 16.45 -16.03
CA LEU B 144 20.17 17.87 -16.08
C LEU B 144 19.80 18.36 -14.69
N ALA B 145 20.46 19.43 -14.24
CA ALA B 145 20.22 20.01 -12.92
C ALA B 145 19.83 21.47 -13.07
N GLY B 146 19.07 21.95 -12.10
CA GLY B 146 18.60 23.33 -12.12
C GLY B 146 17.21 23.49 -11.53
N HIS B 147 16.45 22.39 -11.47
CA HIS B 147 15.16 22.42 -10.81
C HIS B 147 15.35 22.36 -9.30
N THR B 148 14.57 23.14 -8.57
CA THR B 148 14.60 23.15 -7.12
C THR B 148 13.48 22.31 -6.51
N GLY B 149 12.74 21.58 -7.33
CA GLY B 149 11.71 20.69 -6.83
C GLY B 149 11.78 19.35 -7.54
N TYR B 150 10.97 18.41 -7.06
CA TYR B 150 10.98 17.06 -7.59
C TYR B 150 10.48 17.03 -9.02
N LEU B 151 11.07 16.14 -9.83
CA LEU B 151 10.64 15.95 -11.21
C LEU B 151 9.34 15.15 -11.22
N SER B 152 8.28 15.72 -11.79
CA SER B 152 7.00 15.05 -11.86
C SER B 152 6.66 14.51 -13.22
N CYS B 153 7.14 15.14 -14.30
CA CYS B 153 6.90 14.65 -15.65
C CYS B 153 7.99 15.18 -16.57
N CYS B 154 8.22 14.45 -17.66
CA CYS B 154 9.18 14.85 -18.67
C CYS B 154 8.78 14.21 -19.99
N ARG B 155 9.00 14.93 -21.09
CA ARG B 155 8.66 14.44 -22.42
C ARG B 155 9.70 14.92 -23.42
N PHE B 156 10.21 13.99 -24.21
CA PHE B 156 11.17 14.33 -25.26
C PHE B 156 10.48 15.10 -26.38
N LEU B 157 11.19 16.11 -26.91
CA LEU B 157 10.80 16.71 -28.18
C LEU B 157 11.54 16.06 -29.33
N ASP B 158 12.84 15.85 -29.15
CA ASP B 158 13.69 15.12 -30.08
C ASP B 158 14.89 14.60 -29.29
N ASP B 159 15.95 14.19 -29.98
CA ASP B 159 17.13 13.66 -29.30
C ASP B 159 17.90 14.75 -28.55
N ASN B 160 17.62 16.02 -28.79
CA ASN B 160 18.39 17.10 -28.16
C ASN B 160 17.56 18.00 -27.24
N GLN B 161 16.24 17.89 -27.24
CA GLN B 161 15.39 18.74 -26.42
C GLN B 161 14.43 17.89 -25.60
N ILE B 162 14.11 18.38 -24.42
CA ILE B 162 13.16 17.71 -23.53
C ILE B 162 12.51 18.76 -22.64
N VAL B 163 11.20 18.63 -22.43
CA VAL B 163 10.42 19.53 -21.58
C VAL B 163 10.10 18.80 -20.29
N THR B 164 10.44 19.41 -19.16
CA THR B 164 10.26 18.80 -17.85
C THR B 164 9.40 19.70 -16.97
N SER B 165 8.50 19.08 -16.21
CA SER B 165 7.76 19.76 -15.16
C SER B 165 8.34 19.39 -13.80
N SER B 166 8.12 20.25 -12.82
CA SER B 166 8.73 20.05 -11.52
C SER B 166 7.82 20.58 -10.42
N GLY B 167 8.14 20.21 -9.19
CA GLY B 167 7.41 20.62 -8.02
C GLY B 167 7.70 22.03 -7.53
N ASP B 168 8.58 22.76 -8.21
CA ASP B 168 8.85 24.15 -7.87
C ASP B 168 7.97 25.12 -8.65
N THR B 169 6.78 24.68 -9.06
CA THR B 169 5.80 25.49 -9.80
C THR B 169 6.39 26.05 -11.09
N THR B 170 7.15 25.24 -11.81
CA THR B 170 7.90 25.72 -12.96
C THR B 170 8.15 24.58 -13.94
N CYS B 171 7.88 24.83 -15.21
CA CYS B 171 8.30 23.97 -16.30
C CYS B 171 9.52 24.56 -17.00
N ALA B 172 10.26 23.71 -17.69
CA ALA B 172 11.50 24.14 -18.32
C ALA B 172 11.75 23.36 -19.60
N LEU B 173 12.53 23.97 -20.49
CA LEU B 173 12.97 23.36 -21.74
C LEU B 173 14.49 23.27 -21.71
N TRP B 174 15.03 22.10 -22.04
CA TRP B 174 16.44 21.81 -21.85
C TRP B 174 17.13 21.58 -23.19
N ASP B 175 18.42 21.90 -23.21
CA ASP B 175 19.32 21.52 -24.30
C ASP B 175 20.18 20.38 -23.79
N ILE B 176 19.94 19.17 -24.31
CA ILE B 176 20.59 17.98 -23.80
C ILE B 176 22.10 18.00 -24.07
N GLU B 177 22.51 18.56 -25.21
CA GLU B 177 23.92 18.61 -25.57
C GLU B 177 24.73 19.46 -24.58
N THR B 178 24.19 20.61 -24.20
CA THR B 178 24.90 21.51 -23.29
C THR B 178 24.42 21.43 -21.85
N GLY B 179 23.28 20.80 -21.59
CA GLY B 179 22.78 20.69 -20.24
C GLY B 179 22.17 21.94 -19.66
N GLN B 180 21.88 22.94 -20.48
CA GLN B 180 21.39 24.22 -20.01
C GLN B 180 19.90 24.37 -20.26
N GLN B 181 19.25 25.19 -19.44
CA GLN B 181 17.83 25.50 -19.61
C GLN B 181 17.68 26.54 -20.71
N THR B 182 17.08 26.14 -21.83
CA THR B 182 16.85 27.09 -22.91
C THR B 182 15.73 28.06 -22.56
N THR B 183 14.63 27.56 -22.01
CA THR B 183 13.47 28.37 -21.68
C THR B 183 12.90 27.92 -20.34
N THR B 184 12.39 28.87 -19.57
CA THR B 184 11.73 28.60 -18.30
C THR B 184 10.29 29.09 -18.37
N PHE B 185 9.35 28.22 -18.01
CA PHE B 185 7.93 28.52 -18.07
C PHE B 185 7.41 28.72 -16.65
N THR B 186 7.02 29.95 -16.33
CA THR B 186 6.54 30.31 -14.99
C THR B 186 5.13 30.85 -15.07
N GLY B 187 4.41 30.77 -13.95
CA GLY B 187 3.05 31.24 -13.88
C GLY B 187 2.15 30.40 -12.99
N HIS B 188 2.49 29.12 -12.81
CA HIS B 188 1.73 28.27 -11.92
C HIS B 188 2.02 28.63 -10.46
N THR B 189 1.06 28.33 -9.59
CA THR B 189 1.20 28.57 -8.16
C THR B 189 1.20 27.28 -7.35
N GLY B 190 1.22 26.12 -8.01
CA GLY B 190 1.29 24.85 -7.32
C GLY B 190 2.23 23.91 -8.05
N ASP B 191 2.45 22.74 -7.45
CA ASP B 191 3.32 21.74 -8.05
C ASP B 191 2.74 21.25 -9.36
N VAL B 192 3.50 21.41 -10.44
CA VAL B 192 3.03 20.96 -11.75
C VAL B 192 3.18 19.45 -11.82
N MET B 193 2.05 18.75 -11.94
CA MET B 193 2.04 17.30 -11.81
C MET B 193 2.14 16.56 -13.13
N SER B 194 1.71 17.18 -14.23
CA SER B 194 1.69 16.49 -15.51
C SER B 194 1.79 17.51 -16.64
N LEU B 195 2.30 17.03 -17.78
CA LEU B 195 2.33 17.82 -19.00
C LEU B 195 2.04 16.91 -20.18
N SER B 196 1.52 17.51 -21.25
CA SER B 196 1.26 16.78 -22.49
C SER B 196 1.66 17.64 -23.66
N LEU B 197 2.36 17.06 -24.63
CA LEU B 197 2.80 17.78 -25.81
C LEU B 197 1.75 17.70 -26.91
N ALA B 198 1.60 18.81 -27.63
CA ALA B 198 0.70 18.82 -28.77
C ALA B 198 1.29 17.99 -29.90
N PRO B 199 0.44 17.47 -30.80
CA PRO B 199 0.97 16.63 -31.91
C PRO B 199 1.95 17.35 -32.81
N ASP B 200 1.84 18.66 -32.98
CA ASP B 200 2.81 19.43 -33.77
C ASP B 200 4.02 19.86 -32.96
N THR B 201 4.02 19.59 -31.65
CA THR B 201 5.14 19.90 -30.74
C THR B 201 5.51 21.38 -30.77
N ARG B 202 4.51 22.25 -30.90
CA ARG B 202 4.71 23.68 -30.77
C ARG B 202 4.07 24.27 -29.52
N LEU B 203 3.14 23.56 -28.89
CA LEU B 203 2.52 23.98 -27.64
C LEU B 203 2.47 22.78 -26.71
N PHE B 204 2.30 23.05 -25.43
CA PHE B 204 2.05 21.99 -24.46
C PHE B 204 1.23 22.55 -23.31
N VAL B 205 0.42 21.68 -22.70
CA VAL B 205 -0.42 22.04 -21.58
C VAL B 205 0.15 21.39 -20.32
N SER B 206 -0.09 22.03 -19.18
CA SER B 206 0.37 21.53 -17.90
C SER B 206 -0.72 21.70 -16.86
N GLY B 207 -0.87 20.69 -16.00
CA GLY B 207 -1.81 20.74 -14.89
C GLY B 207 -1.04 20.75 -13.57
N ALA B 208 -1.40 21.68 -12.71
CA ALA B 208 -0.72 21.88 -11.44
C ALA B 208 -1.69 21.71 -10.28
N CYS B 209 -1.18 21.93 -9.07
CA CYS B 209 -1.94 21.75 -7.84
C CYS B 209 -2.69 23.02 -7.43
N ASP B 210 -2.98 23.91 -8.38
CA ASP B 210 -3.78 25.09 -8.13
C ASP B 210 -5.15 25.02 -8.80
N ALA B 211 -5.59 23.81 -9.17
CA ALA B 211 -6.85 23.57 -9.87
C ALA B 211 -6.92 24.36 -11.18
N SER B 212 -5.79 24.44 -11.88
CA SER B 212 -5.70 25.23 -13.09
C SER B 212 -4.83 24.51 -14.11
N ALA B 213 -5.10 24.74 -15.38
CA ALA B 213 -4.31 24.23 -16.49
C ALA B 213 -3.94 25.38 -17.41
N LYS B 214 -2.70 25.38 -17.88
CA LYS B 214 -2.17 26.47 -18.67
C LYS B 214 -1.67 25.96 -20.02
N LEU B 215 -1.81 26.81 -21.03
CA LEU B 215 -1.32 26.52 -22.38
C LEU B 215 -0.06 27.36 -22.62
N TRP B 216 1.01 26.69 -23.03
CA TRP B 216 2.31 27.33 -23.19
C TRP B 216 2.75 27.32 -24.63
N ASP B 217 3.53 28.33 -25.00
CA ASP B 217 4.19 28.40 -26.29
C ASP B 217 5.64 28.00 -26.12
N VAL B 218 6.07 26.98 -26.86
CA VAL B 218 7.43 26.46 -26.69
C VAL B 218 8.46 27.45 -27.22
N ARG B 219 8.21 28.03 -28.40
CA ARG B 219 9.18 28.94 -29.00
C ARG B 219 9.26 30.27 -28.25
N GLU B 220 8.10 30.86 -27.94
CA GLU B 220 8.07 32.16 -27.30
C GLU B 220 8.22 32.11 -25.79
N GLY B 221 8.02 30.95 -25.17
CA GLY B 221 8.14 30.84 -23.72
C GLY B 221 7.12 31.63 -22.94
N MET B 222 5.87 31.64 -23.39
CA MET B 222 4.82 32.43 -22.78
C MET B 222 3.58 31.58 -22.56
N CYS B 223 2.76 32.01 -21.61
CA CYS B 223 1.47 31.37 -21.34
C CYS B 223 0.39 32.06 -22.17
N ARG B 224 -0.40 31.27 -22.87
CA ARG B 224 -1.43 31.81 -23.76
C ARG B 224 -2.82 31.82 -23.14
N GLN B 225 -3.28 30.66 -22.66
CA GLN B 225 -4.63 30.53 -22.09
C GLN B 225 -4.57 29.79 -20.77
N THR B 226 -5.52 30.08 -19.90
CA THR B 226 -5.63 29.46 -18.59
C THR B 226 -7.04 28.93 -18.40
N PHE B 227 -7.14 27.71 -17.87
CA PHE B 227 -8.42 27.02 -17.69
C PHE B 227 -8.58 26.65 -16.22
N THR B 228 -9.74 26.98 -15.66
CA THR B 228 -9.99 26.87 -14.21
C THR B 228 -11.32 26.20 -13.94
N GLY B 229 -11.55 25.03 -14.54
CA GLY B 229 -12.80 24.32 -14.31
C GLY B 229 -12.82 23.45 -13.08
N HIS B 230 -11.68 22.89 -12.68
CA HIS B 230 -11.64 21.90 -11.61
C HIS B 230 -11.75 22.56 -10.24
N GLU B 231 -11.90 21.70 -9.22
CA GLU B 231 -12.00 22.15 -7.83
C GLU B 231 -10.81 21.78 -6.97
N SER B 232 -10.00 20.80 -7.38
CA SER B 232 -8.88 20.33 -6.58
C SER B 232 -7.67 20.17 -7.49
N ASP B 233 -6.63 19.55 -6.96
CA ASP B 233 -5.36 19.41 -7.69
C ASP B 233 -5.53 18.54 -8.93
N ILE B 234 -4.93 18.97 -10.03
CA ILE B 234 -4.96 18.23 -11.28
C ILE B 234 -3.76 17.29 -11.32
N ASN B 235 -4.03 16.00 -11.49
CA ASN B 235 -2.97 15.00 -11.46
C ASN B 235 -2.54 14.54 -12.85
N ALA B 236 -3.36 14.74 -13.87
CA ALA B 236 -3.05 14.22 -15.20
C ALA B 236 -3.65 15.14 -16.26
N ILE B 237 -3.10 15.04 -17.46
CA ILE B 237 -3.53 15.87 -18.59
C ILE B 237 -3.14 15.16 -19.87
N CYS B 238 -3.95 15.36 -20.93
CA CYS B 238 -3.72 14.70 -22.20
C CYS B 238 -4.47 15.43 -23.30
N PHE B 239 -3.79 15.68 -24.42
CA PHE B 239 -4.42 16.33 -25.56
C PHE B 239 -5.42 15.43 -26.27
N PHE B 240 -6.38 16.08 -26.95
CA PHE B 240 -7.17 15.40 -27.95
C PHE B 240 -6.29 15.06 -29.15
N PRO B 241 -6.62 14.00 -29.90
CA PRO B 241 -5.77 13.61 -31.03
C PRO B 241 -5.59 14.68 -32.10
N ASN B 242 -6.54 15.59 -32.27
CA ASN B 242 -6.41 16.64 -33.26
C ASN B 242 -5.74 17.90 -32.72
N GLY B 243 -5.44 17.96 -31.42
CA GLY B 243 -4.70 19.05 -30.84
C GLY B 243 -5.50 20.28 -30.50
N ASN B 244 -6.82 20.27 -30.69
CA ASN B 244 -7.67 21.42 -30.41
C ASN B 244 -8.39 21.32 -29.07
N ALA B 245 -8.12 20.27 -28.29
CA ALA B 245 -8.77 20.08 -27.02
C ALA B 245 -7.88 19.21 -26.14
N PHE B 246 -8.21 19.16 -24.85
CA PHE B 246 -7.48 18.31 -23.93
C PHE B 246 -8.39 17.95 -22.75
N ALA B 247 -7.98 16.93 -22.01
CA ALA B 247 -8.73 16.44 -20.86
C ALA B 247 -7.82 16.43 -19.62
N THR B 248 -8.44 16.61 -18.46
CA THR B 248 -7.72 16.69 -17.20
C THR B 248 -8.37 15.75 -16.18
N GLY B 249 -7.54 15.21 -15.30
CA GLY B 249 -8.02 14.41 -14.17
C GLY B 249 -7.59 15.06 -12.87
N SER B 250 -8.46 15.00 -11.87
CA SER B 250 -8.25 15.75 -10.63
C SER B 250 -8.64 14.90 -9.44
N ASP B 251 -8.43 15.46 -8.24
CA ASP B 251 -8.72 14.80 -6.98
C ASP B 251 -10.16 14.94 -6.54
N ASP B 252 -10.99 15.70 -7.28
CA ASP B 252 -12.39 15.87 -6.94
C ASP B 252 -13.29 14.81 -7.58
N ALA B 253 -12.71 13.68 -7.99
CA ALA B 253 -13.43 12.58 -8.63
C ALA B 253 -14.17 13.05 -9.89
N THR B 254 -13.45 13.78 -10.74
CA THR B 254 -14.04 14.41 -11.91
C THR B 254 -12.99 14.58 -12.99
N CYS B 255 -13.34 14.15 -14.21
CA CYS B 255 -12.56 14.45 -15.40
C CYS B 255 -13.32 15.47 -16.24
N ARG B 256 -12.59 16.37 -16.87
CA ARG B 256 -13.19 17.46 -17.62
C ARG B 256 -12.52 17.60 -18.97
N LEU B 257 -13.26 18.14 -19.94
CA LEU B 257 -12.78 18.38 -21.29
C LEU B 257 -12.79 19.87 -21.57
N PHE B 258 -11.67 20.39 -22.09
CA PHE B 258 -11.52 21.81 -22.36
C PHE B 258 -11.25 22.03 -23.84
N ASP B 259 -11.76 23.15 -24.36
CA ASP B 259 -11.56 23.52 -25.76
C ASP B 259 -10.61 24.69 -25.83
N LEU B 260 -9.62 24.60 -26.72
CA LEU B 260 -8.64 25.68 -26.86
C LEU B 260 -9.25 26.89 -27.54
N ARG B 261 -9.99 26.69 -28.62
CA ARG B 261 -10.55 27.80 -29.37
C ARG B 261 -11.76 28.42 -28.69
N ALA B 262 -12.54 27.63 -27.96
CA ALA B 262 -13.67 28.18 -27.21
C ALA B 262 -13.26 28.69 -25.85
N ASP B 263 -12.09 28.29 -25.35
CA ASP B 263 -11.50 28.81 -24.10
C ASP B 263 -12.40 28.56 -22.89
N GLN B 264 -13.04 27.39 -22.85
CA GLN B 264 -13.88 27.03 -21.71
C GLN B 264 -14.06 25.52 -21.65
N GLU B 265 -14.53 25.06 -20.50
CA GLU B 265 -14.80 23.65 -20.28
C GLU B 265 -16.02 23.21 -21.09
N LEU B 266 -15.94 22.02 -21.68
CA LEU B 266 -17.00 21.49 -22.53
C LEU B 266 -17.87 20.45 -21.85
N MET B 267 -17.27 19.51 -21.12
CA MET B 267 -18.03 18.40 -20.54
C MET B 267 -17.33 17.91 -19.28
N THR B 268 -18.14 17.39 -18.35
CA THR B 268 -17.67 16.87 -17.06
C THR B 268 -18.01 15.39 -16.98
N TYR B 269 -17.03 14.57 -16.60
CA TYR B 269 -17.20 13.12 -16.48
C TYR B 269 -17.12 12.75 -15.01
N SER B 270 -18.28 12.45 -14.43
CA SER B 270 -18.35 12.11 -13.01
C SER B 270 -19.53 11.18 -12.78
N HIS B 271 -19.48 10.48 -11.64
CA HIS B 271 -20.56 9.59 -11.21
C HIS B 271 -20.80 9.80 -9.72
N ASP B 272 -22.01 9.46 -9.29
CA ASP B 272 -22.38 9.67 -7.89
C ASP B 272 -21.63 8.75 -6.95
N ASN B 273 -21.31 7.53 -7.38
CA ASN B 273 -20.66 6.55 -6.52
C ASN B 273 -19.13 6.59 -6.63
N ILE B 274 -18.58 7.54 -7.39
CA ILE B 274 -17.14 7.69 -7.53
C ILE B 274 -16.71 8.86 -6.65
N ILE B 275 -15.91 8.58 -5.62
CA ILE B 275 -15.46 9.61 -4.69
C ILE B 275 -13.96 9.55 -4.54
N CYS B 276 -13.26 8.99 -5.52
CA CYS B 276 -11.82 8.86 -5.50
C CYS B 276 -11.20 9.65 -6.64
N GLY B 277 -9.98 10.13 -6.43
CA GLY B 277 -9.30 10.94 -7.42
C GLY B 277 -8.83 10.15 -8.62
N ILE B 278 -8.45 10.89 -9.66
CA ILE B 278 -7.97 10.34 -10.92
C ILE B 278 -6.47 10.56 -11.00
N THR B 279 -5.74 9.48 -11.24
CA THR B 279 -4.28 9.55 -11.31
C THR B 279 -3.75 9.68 -12.73
N SER B 280 -4.49 9.21 -13.73
CA SER B 280 -4.01 9.23 -15.10
C SER B 280 -5.19 9.26 -16.05
N VAL B 281 -5.04 9.99 -17.16
CA VAL B 281 -6.06 10.03 -18.22
C VAL B 281 -5.36 9.82 -19.55
N SER B 282 -6.10 9.29 -20.52
CA SER B 282 -5.60 9.08 -21.86
C SER B 282 -6.76 8.93 -22.82
N PHE B 283 -6.52 9.29 -24.08
CA PHE B 283 -7.50 9.16 -25.14
C PHE B 283 -7.19 7.96 -26.02
N SER B 284 -8.22 7.43 -26.67
CA SER B 284 -8.03 6.44 -27.70
C SER B 284 -7.56 7.11 -28.98
N LYS B 285 -7.35 6.31 -30.03
CA LYS B 285 -6.84 6.86 -31.29
C LYS B 285 -7.83 7.82 -31.93
N SER B 286 -9.12 7.47 -31.91
CA SER B 286 -10.13 8.35 -32.48
C SER B 286 -10.47 9.51 -31.56
N GLY B 287 -10.37 9.31 -30.25
CA GLY B 287 -10.78 10.30 -29.28
C GLY B 287 -12.17 10.10 -28.73
N ARG B 288 -12.91 9.09 -29.19
CA ARG B 288 -14.26 8.84 -28.70
C ARG B 288 -14.24 8.32 -27.27
N LEU B 289 -13.23 7.55 -26.89
CA LEU B 289 -13.12 6.99 -25.55
C LEU B 289 -12.08 7.75 -24.74
N LEU B 290 -12.38 7.95 -23.46
CA LEU B 290 -11.48 8.60 -22.52
C LEU B 290 -11.26 7.63 -21.35
N LEU B 291 -10.04 7.13 -21.22
CA LEU B 291 -9.70 6.17 -20.18
C LEU B 291 -9.04 6.89 -19.01
N ALA B 292 -9.53 6.62 -17.81
CA ALA B 292 -9.06 7.28 -16.60
C ALA B 292 -8.78 6.25 -15.52
N GLY B 293 -7.62 6.37 -14.87
CA GLY B 293 -7.26 5.50 -13.76
C GLY B 293 -7.58 6.19 -12.44
N TYR B 294 -8.03 5.40 -11.47
CA TYR B 294 -8.59 5.93 -10.24
C TYR B 294 -7.86 5.37 -9.02
N ASP B 295 -8.20 5.91 -7.86
CA ASP B 295 -7.65 5.47 -6.58
C ASP B 295 -8.38 4.26 -5.99
N ASP B 296 -9.56 3.92 -6.50
CA ASP B 296 -10.29 2.75 -6.02
C ASP B 296 -9.91 1.47 -6.78
N PHE B 297 -8.70 1.45 -7.36
CA PHE B 297 -8.01 0.32 -7.97
C PHE B 297 -8.57 0.00 -9.36
N ASN B 298 -9.47 0.81 -9.88
CA ASN B 298 -10.13 0.53 -11.15
C ASN B 298 -9.76 1.57 -12.20
N CYS B 299 -10.08 1.24 -13.45
CA CYS B 299 -9.94 2.15 -14.57
C CYS B 299 -11.27 2.21 -15.31
N ASN B 300 -11.75 3.42 -15.59
CA ASN B 300 -13.05 3.62 -16.21
C ASN B 300 -12.89 4.12 -17.64
N VAL B 301 -13.75 3.64 -18.52
CA VAL B 301 -13.80 4.06 -19.91
C VAL B 301 -15.04 4.94 -20.09
N TRP B 302 -14.84 6.14 -20.61
CA TRP B 302 -15.89 7.13 -20.73
C TRP B 302 -16.21 7.41 -22.20
N ASP B 303 -17.47 7.74 -22.46
CA ASP B 303 -17.88 8.25 -23.76
C ASP B 303 -17.58 9.74 -23.78
N ALA B 304 -16.58 10.14 -24.57
CA ALA B 304 -16.10 11.52 -24.53
C ALA B 304 -17.11 12.52 -25.07
N LEU B 305 -18.09 12.07 -25.87
CA LEU B 305 -19.09 12.96 -26.44
C LEU B 305 -20.44 12.88 -25.74
N LYS B 306 -20.65 11.88 -24.88
CA LYS B 306 -21.92 11.70 -24.20
C LYS B 306 -21.81 11.66 -22.68
N ALA B 307 -20.59 11.61 -22.13
CA ALA B 307 -20.33 11.54 -20.69
C ALA B 307 -20.98 10.32 -20.04
N ASP B 308 -21.07 9.22 -20.78
CA ASP B 308 -21.61 7.96 -20.27
C ASP B 308 -20.47 6.98 -20.08
N ARG B 309 -20.42 6.35 -18.91
CA ARG B 309 -19.39 5.36 -18.65
C ARG B 309 -19.64 4.13 -19.50
N ALA B 310 -18.61 3.68 -20.22
CA ALA B 310 -18.73 2.58 -21.17
C ALA B 310 -18.26 1.25 -20.60
N GLY B 311 -17.23 1.26 -19.77
CA GLY B 311 -16.70 0.00 -19.26
C GLY B 311 -15.79 0.23 -18.08
N VAL B 312 -15.36 -0.88 -17.48
CA VAL B 312 -14.50 -0.88 -16.31
C VAL B 312 -13.34 -1.83 -16.57
N LEU B 313 -12.13 -1.39 -16.20
CA LEU B 313 -10.94 -2.25 -16.20
C LEU B 313 -10.57 -2.53 -14.75
N ALA B 314 -11.01 -3.68 -14.25
CA ALA B 314 -10.84 -4.06 -12.84
C ALA B 314 -9.94 -5.29 -12.78
N GLY B 315 -8.64 -5.07 -12.63
CA GLY B 315 -7.71 -6.17 -12.53
C GLY B 315 -6.51 -5.92 -11.63
N HIS B 316 -6.49 -4.79 -10.93
CA HIS B 316 -5.35 -4.41 -10.11
C HIS B 316 -5.72 -4.47 -8.63
N ASP B 317 -4.78 -4.95 -7.82
CA ASP B 317 -4.99 -5.08 -6.38
C ASP B 317 -4.56 -3.84 -5.61
N ASN B 318 -4.02 -2.82 -6.28
CA ASN B 318 -3.63 -1.59 -5.62
C ASN B 318 -3.90 -0.43 -6.56
N ARG B 319 -3.53 0.77 -6.12
CA ARG B 319 -3.90 2.00 -6.80
C ARG B 319 -3.27 2.09 -8.19
N VAL B 320 -4.09 2.40 -9.19
CA VAL B 320 -3.62 2.57 -10.55
C VAL B 320 -2.95 3.93 -10.66
N SER B 321 -1.68 3.93 -11.07
CA SER B 321 -0.87 5.15 -11.04
C SER B 321 -0.60 5.75 -12.40
N CYS B 322 -0.70 4.99 -13.48
CA CYS B 322 -0.34 5.49 -14.80
C CYS B 322 -1.08 4.74 -15.88
N LEU B 323 -1.26 5.40 -17.02
CA LEU B 323 -1.97 4.87 -18.17
C LEU B 323 -1.17 5.17 -19.44
N GLY B 324 -1.48 4.42 -20.49
CA GLY B 324 -0.89 4.68 -21.79
C GLY B 324 -1.52 3.90 -22.91
N VAL B 325 -1.88 4.58 -23.99
CA VAL B 325 -2.42 3.96 -25.19
C VAL B 325 -1.37 4.04 -26.29
N THR B 326 -1.21 2.94 -27.02
CA THR B 326 -0.23 2.89 -28.09
C THR B 326 -0.58 3.87 -29.21
N ASP B 327 0.42 4.18 -30.03
CA ASP B 327 0.23 5.13 -31.13
C ASP B 327 -0.75 4.60 -32.17
N ASP B 328 -0.70 3.31 -32.45
CA ASP B 328 -1.65 2.71 -33.39
C ASP B 328 -2.98 2.36 -32.74
N GLY B 329 -3.12 2.56 -31.43
CA GLY B 329 -4.39 2.34 -30.75
C GLY B 329 -4.76 0.89 -30.54
N MET B 330 -3.79 -0.02 -30.61
CA MET B 330 -4.11 -1.44 -30.49
C MET B 330 -4.42 -1.82 -29.04
N ALA B 331 -3.67 -1.28 -28.09
CA ALA B 331 -3.82 -1.72 -26.70
C ALA B 331 -3.55 -0.56 -25.76
N VAL B 332 -4.02 -0.73 -24.52
CA VAL B 332 -3.80 0.23 -23.45
C VAL B 332 -3.12 -0.50 -22.29
N ALA B 333 -2.14 0.16 -21.68
CA ALA B 333 -1.35 -0.43 -20.60
C ALA B 333 -1.61 0.32 -19.30
N THR B 334 -1.76 -0.44 -18.21
CA THR B 334 -2.01 0.12 -16.89
C THR B 334 -0.89 -0.27 -15.95
N GLY B 335 -0.38 0.70 -15.19
CA GLY B 335 0.57 0.46 -14.13
C GLY B 335 -0.07 0.76 -12.79
N SER B 336 0.29 -0.01 -11.77
CA SER B 336 -0.34 0.11 -10.46
C SER B 336 0.72 0.00 -9.37
N TRP B 337 0.28 0.16 -8.13
CA TRP B 337 1.15 0.10 -6.97
C TRP B 337 1.39 -1.31 -6.47
N ASP B 338 0.82 -2.33 -7.12
CA ASP B 338 1.08 -3.71 -6.79
C ASP B 338 2.25 -4.29 -7.59
N SER B 339 3.10 -3.42 -8.16
CA SER B 339 4.30 -3.80 -8.90
C SER B 339 3.99 -4.66 -10.12
N PHE B 340 2.88 -4.35 -10.79
CA PHE B 340 2.46 -5.10 -11.97
C PHE B 340 2.05 -4.15 -13.09
N LEU B 341 2.29 -4.60 -14.32
CA LEU B 341 1.84 -3.93 -15.53
C LEU B 341 0.92 -4.88 -16.29
N LYS B 342 -0.21 -4.36 -16.76
CA LYS B 342 -1.17 -5.14 -17.51
C LYS B 342 -1.44 -4.48 -18.85
N ILE B 343 -1.56 -5.30 -19.89
CA ILE B 343 -1.89 -4.83 -21.23
C ILE B 343 -3.33 -5.22 -21.52
N TRP B 344 -4.20 -4.23 -21.64
CA TRP B 344 -5.62 -4.45 -21.88
C TRP B 344 -5.93 -4.25 -23.35
N ASN B 345 -6.93 -5.00 -23.83
CA ASN B 345 -7.32 -4.94 -25.23
C ASN B 345 -8.73 -5.49 -25.41
N ASN C 5 7.05 43.82 1.03
CA ASN C 5 5.81 44.27 0.40
C ASN C 5 6.00 44.51 -1.09
N THR C 6 7.21 44.93 -1.46
CA THR C 6 7.51 45.23 -2.86
C THR C 6 7.51 43.98 -3.74
N ALA C 7 7.72 42.80 -3.15
CA ALA C 7 7.68 41.57 -3.93
C ALA C 7 6.26 41.27 -4.43
N SER C 8 5.26 41.52 -3.58
CA SER C 8 3.89 41.25 -3.98
C SER C 8 3.38 42.27 -4.98
N ILE C 9 3.93 43.49 -4.96
CA ILE C 9 3.54 44.51 -5.93
C ILE C 9 3.98 44.10 -7.33
N ALA C 10 5.21 43.62 -7.47
CA ALA C 10 5.70 43.18 -8.77
C ALA C 10 4.98 41.92 -9.24
N GLN C 11 4.61 41.05 -8.31
CA GLN C 11 3.84 39.86 -8.68
C GLN C 11 2.45 40.23 -9.16
N ALA C 12 1.82 41.22 -8.51
CA ALA C 12 0.48 41.65 -8.92
C ALA C 12 0.48 42.30 -10.29
N ARG C 13 1.57 42.99 -10.65
CA ARG C 13 1.66 43.57 -11.99
C ARG C 13 1.80 42.49 -13.05
N LYS C 14 2.46 41.38 -12.74
CA LYS C 14 2.57 40.29 -13.70
C LYS C 14 1.22 39.61 -13.93
N LEU C 15 0.40 39.49 -12.88
CA LEU C 15 -0.90 38.86 -13.01
C LEU C 15 -1.83 39.71 -13.88
N VAL C 16 -1.81 41.03 -13.70
CA VAL C 16 -2.63 41.91 -14.52
C VAL C 16 -2.16 41.90 -15.97
N GLU C 17 -0.84 41.93 -16.19
CA GLU C 17 -0.30 41.91 -17.55
C GLU C 17 -0.56 40.58 -18.24
N GLN C 18 -0.64 39.49 -17.47
CA GLN C 18 -0.99 38.20 -18.06
C GLN C 18 -2.47 38.13 -18.38
N LEU C 19 -3.32 38.72 -17.53
CA LEU C 19 -4.75 38.71 -17.76
C LEU C 19 -5.14 39.54 -18.98
N LYS C 20 -4.42 40.64 -19.22
CA LYS C 20 -4.70 41.46 -20.40
C LYS C 20 -4.32 40.72 -21.69
N MET C 21 -3.33 39.84 -21.62
CA MET C 21 -2.96 39.06 -22.80
C MET C 21 -3.99 37.98 -23.09
N GLU C 22 -4.55 37.37 -22.04
CA GLU C 22 -5.54 36.31 -22.23
C GLU C 22 -6.90 36.86 -22.62
N ALA C 23 -7.23 38.08 -22.20
CA ALA C 23 -8.54 38.65 -22.50
C ALA C 23 -8.64 39.07 -23.96
N ASN C 24 -7.53 39.40 -24.60
CA ASN C 24 -7.54 39.87 -25.99
C ASN C 24 -7.22 38.72 -26.96
N ILE C 25 -8.09 37.72 -26.96
CA ILE C 25 -8.01 36.61 -27.91
C ILE C 25 -9.39 36.42 -28.55
N ASP C 26 -9.40 35.74 -29.68
CA ASP C 26 -10.62 35.48 -30.42
C ASP C 26 -11.16 34.11 -30.04
N ARG C 27 -12.41 34.07 -29.58
CA ARG C 27 -13.08 32.85 -29.17
C ARG C 27 -14.20 32.53 -30.14
N ILE C 28 -14.23 31.27 -30.61
CA ILE C 28 -15.30 30.82 -31.47
C ILE C 28 -16.46 30.33 -30.60
N LYS C 29 -17.62 30.13 -31.21
CA LYS C 29 -18.77 29.62 -30.48
C LYS C 29 -18.54 28.18 -30.02
N VAL C 30 -19.13 27.84 -28.88
CA VAL C 30 -19.06 26.47 -28.38
C VAL C 30 -19.76 25.51 -29.33
N SER C 31 -20.83 25.96 -29.97
CA SER C 31 -21.56 25.11 -30.91
C SER C 31 -20.69 24.69 -32.09
N LYS C 32 -19.88 25.63 -32.61
CA LYS C 32 -18.96 25.28 -33.69
C LYS C 32 -17.79 24.45 -33.17
N ALA C 33 -17.30 24.77 -31.96
CA ALA C 33 -16.18 24.03 -31.39
C ALA C 33 -16.57 22.59 -31.07
N ALA C 34 -17.78 22.39 -30.55
CA ALA C 34 -18.25 21.04 -30.26
C ALA C 34 -18.55 20.25 -31.52
N ALA C 35 -18.98 20.93 -32.58
CA ALA C 35 -19.25 20.25 -33.84
C ALA C 35 -17.97 19.76 -34.50
N ASP C 36 -16.83 20.39 -34.20
CA ASP C 36 -15.56 19.94 -34.75
C ASP C 36 -15.04 18.69 -34.05
N LEU C 37 -15.28 18.56 -32.75
CA LEU C 37 -14.82 17.38 -32.03
C LEU C 37 -15.60 16.13 -32.45
N MET C 38 -16.92 16.26 -32.64
CA MET C 38 -17.70 15.10 -33.06
C MET C 38 -17.50 14.77 -34.53
N ALA C 39 -17.07 15.74 -35.34
CA ALA C 39 -16.73 15.44 -36.73
C ALA C 39 -15.39 14.75 -36.85
N TYR C 40 -14.48 14.98 -35.90
CA TYR C 40 -13.19 14.28 -35.92
C TYR C 40 -13.36 12.84 -35.47
N CYS C 41 -14.18 12.59 -34.46
CA CYS C 41 -14.40 11.23 -33.99
C CYS C 41 -15.16 10.40 -35.02
N GLU C 42 -16.05 11.04 -35.80
CA GLU C 42 -16.78 10.31 -36.83
C GLU C 42 -15.88 9.96 -38.00
N ALA C 43 -14.98 10.87 -38.40
CA ALA C 43 -14.10 10.62 -39.53
C ALA C 43 -13.03 9.57 -39.22
N HIS C 44 -12.68 9.39 -37.94
CA HIS C 44 -11.64 8.45 -37.54
C HIS C 44 -12.20 7.31 -36.69
N ALA C 45 -13.50 7.03 -36.80
CA ALA C 45 -14.10 5.97 -35.99
C ALA C 45 -13.61 4.59 -36.40
N LYS C 46 -13.43 4.36 -37.70
CA LYS C 46 -13.03 3.05 -38.19
C LYS C 46 -11.55 2.76 -37.97
N GLU C 47 -10.77 3.73 -37.52
CA GLU C 47 -9.36 3.55 -37.27
C GLU C 47 -9.04 3.35 -35.79
N ASP C 48 -10.06 3.07 -34.97
CA ASP C 48 -9.88 2.91 -33.53
C ASP C 48 -10.13 1.47 -33.14
N PRO C 49 -9.09 0.66 -32.91
CA PRO C 49 -9.33 -0.73 -32.48
C PRO C 49 -9.97 -0.87 -31.11
N LEU C 50 -9.89 0.15 -30.26
CA LEU C 50 -10.56 0.07 -28.96
C LEU C 50 -12.06 0.23 -29.10
N LEU C 51 -12.52 0.97 -30.11
CA LEU C 51 -13.95 1.05 -30.41
C LEU C 51 -14.42 -0.23 -31.08
N THR C 52 -13.85 -0.56 -32.23
CA THR C 52 -14.22 -1.76 -32.96
C THR C 52 -13.18 -2.83 -32.72
N PRO C 53 -13.49 -3.89 -31.97
CA PRO C 53 -12.49 -4.93 -31.68
C PRO C 53 -12.12 -5.71 -32.93
N VAL C 54 -10.86 -5.62 -33.33
CA VAL C 54 -10.34 -6.32 -34.49
C VAL C 54 -10.32 -7.82 -34.20
N PRO C 55 -10.55 -8.67 -35.19
CA PRO C 55 -10.50 -10.13 -34.94
C PRO C 55 -9.08 -10.65 -34.79
N ALA C 56 -8.94 -11.96 -34.68
CA ALA C 56 -7.62 -12.58 -34.55
C ALA C 56 -6.87 -12.48 -35.87
N SER C 57 -5.61 -12.93 -35.84
CA SER C 57 -4.61 -12.88 -36.91
C SER C 57 -4.17 -11.45 -37.23
N GLU C 58 -4.72 -10.43 -36.57
CA GLU C 58 -4.22 -9.07 -36.71
C GLU C 58 -4.19 -8.35 -35.36
N ASN C 59 -4.41 -9.06 -34.26
CA ASN C 59 -4.24 -8.51 -32.93
C ASN C 59 -2.94 -9.04 -32.36
N PRO C 60 -1.92 -8.20 -32.15
CA PRO C 60 -0.62 -8.71 -31.68
C PRO C 60 -0.64 -9.29 -30.28
N PHE C 61 -1.65 -8.97 -29.47
CA PHE C 61 -1.69 -9.40 -28.08
C PHE C 61 -2.62 -10.59 -27.85
N ARG C 62 -3.03 -11.28 -28.91
CA ARG C 62 -3.85 -12.47 -28.79
C ARG C 62 -3.04 -13.69 -29.19
N GLU C 63 -3.04 -14.70 -28.31
CA GLU C 63 -2.28 -15.92 -28.56
C GLU C 63 -3.18 -17.16 -28.42
N SER D 29 1.98 -69.35 21.91
CA SER D 29 0.82 -68.54 21.55
C SER D 29 1.23 -67.33 20.74
N PRO D 30 0.78 -67.27 19.48
CA PRO D 30 1.09 -66.11 18.64
C PRO D 30 0.47 -64.83 19.18
N PHE D 31 1.21 -63.73 19.08
CA PHE D 31 0.76 -62.48 19.65
C PHE D 31 -0.36 -61.85 18.83
N TYR D 32 -0.24 -61.88 17.50
CA TYR D 32 -1.24 -61.30 16.61
C TYR D 32 -2.18 -62.42 16.17
N ARG D 33 -3.29 -62.59 16.89
CA ARG D 33 -4.22 -63.68 16.62
C ARG D 33 -5.19 -63.38 15.48
N CYS D 34 -5.32 -62.11 15.08
CA CYS D 34 -6.11 -61.74 13.91
C CYS D 34 -5.25 -61.57 12.66
N GLN D 35 -4.09 -62.22 12.62
CA GLN D 35 -3.17 -62.04 11.50
C GLN D 35 -3.69 -62.75 10.24
N ASN D 36 -4.19 -63.97 10.40
CA ASN D 36 -4.70 -64.75 9.28
C ASN D 36 -6.21 -64.89 9.29
N THR D 37 -6.91 -64.10 10.11
CA THR D 37 -8.35 -64.22 10.22
C THR D 37 -9.04 -63.69 8.96
N THR D 38 -10.28 -64.14 8.75
CA THR D 38 -11.02 -63.82 7.54
C THR D 38 -12.27 -63.00 7.78
N SER D 39 -12.65 -62.74 9.03
CA SER D 39 -13.85 -61.99 9.33
C SER D 39 -13.62 -61.17 10.58
N VAL D 40 -14.46 -60.16 10.77
CA VAL D 40 -14.35 -59.30 11.95
C VAL D 40 -14.73 -60.09 13.19
N GLU D 41 -14.09 -59.77 14.31
CA GLU D 41 -14.38 -60.45 15.56
C GLU D 41 -15.71 -59.96 16.12
N LYS D 42 -16.47 -60.88 16.71
CA LYS D 42 -17.76 -60.54 17.28
C LYS D 42 -17.60 -59.61 18.47
N GLY D 43 -18.52 -58.67 18.60
CA GLY D 43 -18.46 -57.69 19.67
C GLY D 43 -17.92 -56.33 19.28
N ASN D 44 -17.74 -56.07 17.98
CA ASN D 44 -17.27 -54.79 17.50
C ASN D 44 -18.29 -54.19 16.54
N SER D 45 -18.37 -52.86 16.55
CA SER D 45 -19.32 -52.14 15.71
C SER D 45 -18.62 -50.96 15.05
N ALA D 46 -19.18 -50.53 13.92
CA ALA D 46 -18.62 -49.44 13.13
C ALA D 46 -18.99 -48.07 13.66
N VAL D 47 -19.66 -48.00 14.81
CA VAL D 47 -20.10 -46.71 15.34
C VAL D 47 -18.90 -45.83 15.69
N MET D 48 -17.88 -46.42 16.31
CA MET D 48 -16.69 -45.65 16.67
C MET D 48 -15.87 -45.29 15.43
N GLY D 49 -15.83 -46.17 14.43
CA GLY D 49 -15.11 -45.87 13.22
C GLY D 49 -15.88 -45.05 12.21
N GLY D 50 -17.16 -44.80 12.45
CA GLY D 50 -17.95 -43.98 11.57
C GLY D 50 -18.14 -42.58 12.10
N VAL D 51 -18.04 -42.44 13.43
CA VAL D 51 -18.09 -41.12 14.05
C VAL D 51 -16.82 -40.33 13.74
N LEU D 52 -15.67 -41.01 13.77
CA LEU D 52 -14.41 -40.34 13.47
C LEU D 52 -14.37 -39.87 12.02
N PHE D 53 -14.89 -40.68 11.09
CA PHE D 53 -14.90 -40.29 9.69
C PHE D 53 -15.88 -39.15 9.42
N SER D 54 -17.08 -39.23 9.99
CA SER D 54 -18.09 -38.20 9.73
C SER D 54 -17.70 -36.85 10.30
N THR D 55 -17.12 -36.83 11.51
CA THR D 55 -16.69 -35.58 12.10
C THR D 55 -15.46 -35.02 11.40
N GLY D 56 -14.59 -35.89 10.90
CA GLY D 56 -13.41 -35.43 10.18
C GLY D 56 -13.70 -35.00 8.76
N LEU D 57 -14.71 -35.60 8.12
CA LEU D 57 -15.08 -35.21 6.76
C LEU D 57 -15.75 -33.85 6.74
N LEU D 58 -16.71 -33.63 7.64
CA LEU D 58 -17.44 -32.37 7.65
C LEU D 58 -16.57 -31.22 8.16
N GLY D 59 -15.60 -31.51 9.02
CA GLY D 59 -14.69 -30.47 9.45
C GLY D 59 -13.74 -30.02 8.35
N ASN D 60 -13.20 -30.97 7.59
CA ASN D 60 -12.25 -30.64 6.53
C ASN D 60 -12.93 -30.08 5.30
N LEU D 61 -14.14 -30.57 4.97
CA LEU D 61 -14.87 -30.04 3.82
C LEU D 61 -15.31 -28.60 4.06
N LEU D 62 -15.76 -28.30 5.27
CA LEU D 62 -16.13 -26.93 5.61
C LEU D 62 -14.92 -26.00 5.57
N ALA D 63 -13.76 -26.49 6.01
CA ALA D 63 -12.56 -25.67 6.00
C ALA D 63 -12.09 -25.38 4.59
N LEU D 64 -12.11 -26.39 3.71
CA LEU D 64 -11.70 -26.18 2.33
C LEU D 64 -12.68 -25.28 1.58
N GLY D 65 -13.95 -25.28 1.98
CA GLY D 65 -14.89 -24.33 1.40
C GLY D 65 -14.56 -22.91 1.79
N LEU D 66 -14.21 -22.69 3.07
CA LEU D 66 -13.80 -21.36 3.51
C LEU D 66 -12.43 -20.99 2.98
N LEU D 67 -11.54 -21.98 2.82
CA LEU D 67 -10.19 -21.70 2.36
C LEU D 67 -10.15 -21.39 0.88
N ALA D 68 -11.08 -21.95 0.10
CA ALA D 68 -11.14 -21.67 -1.32
C ALA D 68 -11.94 -20.41 -1.63
N ARG D 69 -12.86 -20.03 -0.75
CA ARG D 69 -13.63 -18.81 -0.98
C ARG D 69 -12.75 -17.57 -0.87
N SER D 70 -11.89 -17.51 0.15
CA SER D 70 -11.04 -16.34 0.32
C SER D 70 -9.86 -16.34 -0.65
N GLY D 71 -9.32 -17.50 -0.98
CA GLY D 71 -8.16 -17.57 -1.85
C GLY D 71 -8.47 -17.52 -3.33
N LEU D 72 -9.70 -17.82 -3.73
CA LEU D 72 -10.10 -17.77 -5.14
C LEU D 72 -11.19 -16.75 -5.39
N GLY D 73 -12.32 -16.85 -4.71
CA GLY D 73 -13.43 -15.93 -4.91
C GLY D 73 -14.78 -16.62 -4.97
N PRO D 84 -0.86 -14.53 -1.64
CA PRO D 84 -1.20 -15.12 -0.33
C PRO D 84 -0.08 -14.93 0.70
N SER D 85 0.28 -16.00 1.40
CA SER D 85 1.30 -15.95 2.42
C SER D 85 1.91 -17.33 2.57
N VAL D 86 2.99 -17.40 3.34
CA VAL D 86 3.63 -18.68 3.62
C VAL D 86 2.73 -19.55 4.49
N PHE D 87 2.03 -18.93 5.44
CA PHE D 87 1.10 -19.66 6.29
C PHE D 87 -0.07 -20.22 5.50
N TYR D 88 -0.52 -19.50 4.46
CA TYR D 88 -1.62 -19.98 3.64
C TYR D 88 -1.23 -21.24 2.87
N MET D 89 -0.01 -21.28 2.33
CA MET D 89 0.42 -22.44 1.57
C MET D 89 0.61 -23.66 2.48
N LEU D 90 1.10 -23.44 3.70
CA LEU D 90 1.28 -24.56 4.62
C LEU D 90 -0.06 -25.13 5.08
N VAL D 91 -1.05 -24.25 5.30
CA VAL D 91 -2.36 -24.70 5.77
C VAL D 91 -3.10 -25.43 4.65
N CYS D 92 -2.99 -24.95 3.41
CA CYS D 92 -3.63 -25.62 2.29
C CYS D 92 -3.09 -27.03 2.10
N GLY D 93 -1.78 -27.21 2.24
CA GLY D 93 -1.21 -28.54 2.11
C GLY D 93 -1.55 -29.46 3.27
N LEU D 94 -1.79 -28.89 4.45
CA LEU D 94 -2.17 -29.71 5.60
C LEU D 94 -3.60 -30.20 5.50
N THR D 95 -4.52 -29.34 5.06
CA THR D 95 -5.92 -29.73 4.94
C THR D 95 -6.12 -30.75 3.83
N VAL D 96 -5.37 -30.63 2.74
CA VAL D 96 -5.46 -31.61 1.66
C VAL D 96 -4.96 -32.98 2.12
N THR D 97 -3.87 -33.00 2.90
CA THR D 97 -3.39 -34.25 3.47
C THR D 97 -4.39 -34.84 4.45
N ASP D 98 -5.00 -33.99 5.28
CA ASP D 98 -5.99 -34.47 6.25
C ASP D 98 -7.24 -34.99 5.57
N LEU D 99 -7.70 -34.31 4.52
CA LEU D 99 -8.89 -34.76 3.81
C LEU D 99 -8.61 -36.03 3.01
N LEU D 100 -7.42 -36.12 2.40
CA LEU D 100 -7.08 -37.31 1.61
C LEU D 100 -6.93 -38.54 2.51
N GLY D 101 -6.37 -38.36 3.70
CA GLY D 101 -6.22 -39.49 4.60
C GLY D 101 -7.55 -40.03 5.10
N LYS D 102 -8.48 -39.14 5.42
CA LYS D 102 -9.79 -39.57 5.90
C LYS D 102 -10.58 -40.27 4.80
N CYS D 103 -10.54 -39.76 3.58
CA CYS D 103 -11.35 -40.29 2.49
C CYS D 103 -10.73 -41.50 1.81
N LEU D 104 -9.51 -41.88 2.18
CA LEU D 104 -8.85 -43.05 1.62
C LEU D 104 -8.83 -44.24 2.55
N LEU D 105 -8.71 -44.02 3.86
CA LEU D 105 -8.59 -45.09 4.83
C LEU D 105 -9.92 -45.45 5.49
N SER D 106 -10.78 -44.45 5.75
CA SER D 106 -12.03 -44.73 6.46
C SER D 106 -13.01 -45.57 5.65
N PRO D 107 -13.26 -45.34 4.35
CA PRO D 107 -14.19 -46.23 3.64
C PRO D 107 -13.74 -47.68 3.58
N VAL D 108 -12.43 -47.94 3.60
CA VAL D 108 -11.95 -49.32 3.63
C VAL D 108 -12.31 -49.98 4.96
N VAL D 109 -12.23 -49.23 6.06
CA VAL D 109 -12.60 -49.75 7.36
C VAL D 109 -14.11 -50.01 7.43
N LEU D 110 -14.91 -49.04 6.98
CA LEU D 110 -16.35 -49.18 7.06
C LEU D 110 -16.89 -50.26 6.14
N ALA D 111 -16.21 -50.51 5.02
CA ALA D 111 -16.63 -51.60 4.14
C ALA D 111 -16.40 -52.96 4.78
N ALA D 112 -15.40 -53.06 5.66
CA ALA D 112 -15.15 -54.31 6.37
C ALA D 112 -16.26 -54.64 7.35
N TYR D 113 -16.74 -53.62 8.09
CA TYR D 113 -17.81 -53.85 9.06
C TYR D 113 -19.12 -54.20 8.36
N ALA D 114 -19.43 -53.53 7.25
CA ALA D 114 -20.68 -53.78 6.56
C ALA D 114 -20.70 -55.15 5.90
N GLN D 115 -19.60 -55.55 5.28
CA GLN D 115 -19.52 -56.84 4.60
C GLN D 115 -19.11 -57.98 5.51
N ASN D 116 -18.70 -57.69 6.75
CA ASN D 116 -18.23 -58.69 7.71
C ASN D 116 -17.08 -59.53 7.14
N ARG D 117 -16.11 -58.84 6.55
CA ARG D 117 -14.91 -59.47 6.01
C ARG D 117 -13.70 -58.63 6.39
N SER D 118 -12.62 -59.30 6.74
CA SER D 118 -11.39 -58.61 7.13
C SER D 118 -10.64 -58.11 5.90
N LEU D 119 -9.61 -57.30 6.14
CA LEU D 119 -8.84 -56.72 5.05
C LEU D 119 -8.08 -57.75 4.22
N ARG D 120 -7.86 -58.94 4.76
CA ARG D 120 -7.26 -60.01 3.98
C ARG D 120 -8.21 -60.51 2.89
N VAL D 121 -9.51 -60.58 3.21
CA VAL D 121 -10.50 -61.16 2.32
C VAL D 121 -11.54 -60.11 1.90
N LEU D 122 -11.24 -58.83 2.09
CA LEU D 122 -12.18 -57.78 1.69
C LEU D 122 -12.28 -57.69 0.17
N ALA D 123 -11.14 -57.66 -0.52
CA ALA D 123 -11.12 -57.66 -1.98
C ALA D 123 -10.38 -58.89 -2.46
N PRO D 124 -11.09 -59.92 -2.94
CA PRO D 124 -10.40 -61.14 -3.39
C PRO D 124 -9.47 -60.92 -4.57
N ALA D 125 -9.67 -59.86 -5.34
CA ALA D 125 -8.73 -59.54 -6.41
C ALA D 125 -7.39 -59.05 -5.87
N LEU D 126 -7.41 -58.35 -4.74
CA LEU D 126 -6.19 -57.77 -4.16
C LEU D 126 -5.55 -58.66 -3.11
N ASP D 127 -6.34 -59.50 -2.42
CA ASP D 127 -5.96 -60.41 -1.33
C ASP D 127 -5.06 -59.67 -0.34
N ASN D 128 -3.86 -60.16 -0.02
CA ASN D 128 -3.03 -59.60 1.04
C ASN D 128 -2.52 -58.20 0.71
N SER D 129 -2.49 -57.82 -0.56
CA SER D 129 -1.95 -56.53 -0.94
C SER D 129 -2.76 -55.35 -0.42
N LEU D 130 -4.05 -55.56 -0.12
CA LEU D 130 -4.86 -54.49 0.46
C LEU D 130 -4.44 -54.18 1.89
N CYS D 131 -4.08 -55.22 2.66
CA CYS D 131 -3.64 -54.99 4.03
C CYS D 131 -2.27 -54.31 4.07
N GLN D 132 -1.37 -54.69 3.17
CA GLN D 132 -0.06 -54.04 3.11
C GLN D 132 -0.19 -52.59 2.66
N ALA D 133 -1.05 -52.32 1.67
CA ALA D 133 -1.25 -50.96 1.22
C ALA D 133 -1.94 -50.12 2.27
N PHE D 134 -2.87 -50.71 3.02
CA PHE D 134 -3.52 -49.99 4.11
C PHE D 134 -2.52 -49.60 5.19
N ALA D 135 -1.62 -50.53 5.54
CA ALA D 135 -0.64 -50.25 6.58
C ALA D 135 0.38 -49.22 6.11
N PHE D 136 0.76 -49.25 4.83
CA PHE D 136 1.70 -48.28 4.29
C PHE D 136 1.13 -46.88 4.30
N PHE D 137 -0.14 -46.72 3.92
CA PHE D 137 -0.75 -45.40 3.91
C PHE D 137 -1.09 -44.91 5.30
N MET D 138 -1.38 -45.82 6.23
CA MET D 138 -1.65 -45.41 7.61
C MET D 138 -0.40 -44.84 8.26
N SER D 139 0.76 -45.43 7.99
CA SER D 139 2.01 -44.90 8.52
C SER D 139 2.47 -43.66 7.74
N PHE D 140 2.16 -43.59 6.45
CA PHE D 140 2.53 -42.42 5.66
C PHE D 140 1.78 -41.18 6.13
N PHE D 141 0.48 -41.30 6.34
CA PHE D 141 -0.32 -40.14 6.72
C PHE D 141 -0.03 -39.72 8.16
N GLY D 142 0.37 -40.65 9.01
CA GLY D 142 0.82 -40.26 10.35
C GLY D 142 2.12 -39.48 10.33
N LEU D 143 3.07 -39.94 9.51
CA LEU D 143 4.38 -39.28 9.45
C LEU D 143 4.34 -37.99 8.65
N SER D 144 3.57 -37.96 7.56
CA SER D 144 3.53 -36.76 6.71
C SER D 144 2.81 -35.62 7.40
N SER D 145 1.83 -35.92 8.25
CA SER D 145 1.14 -34.86 8.99
C SER D 145 2.03 -34.28 10.09
N THR D 146 2.82 -35.13 10.74
CA THR D 146 3.72 -34.66 11.79
C THR D 146 4.82 -33.77 11.21
N LEU D 147 5.34 -34.13 10.05
CA LEU D 147 6.36 -33.30 9.41
C LEU D 147 5.77 -31.96 8.96
N GLN D 148 4.53 -31.96 8.49
CA GLN D 148 3.88 -30.71 8.10
C GLN D 148 3.53 -29.86 9.30
N LEU D 149 3.20 -30.48 10.43
CA LEU D 149 2.92 -29.72 11.64
C LEU D 149 4.19 -29.15 12.27
N LEU D 150 5.35 -29.76 12.00
CA LEU D 150 6.61 -29.19 12.46
C LEU D 150 7.03 -28.00 11.62
N ALA D 151 6.76 -28.04 10.31
CA ALA D 151 7.09 -26.92 9.45
C ALA D 151 6.24 -25.70 9.79
N MET D 152 4.99 -25.91 10.18
CA MET D 152 4.15 -24.79 10.61
C MET D 152 4.57 -24.29 11.98
N ALA D 153 5.18 -25.14 12.80
CA ALA D 153 5.73 -24.70 14.07
C ALA D 153 7.01 -23.91 13.89
N LEU D 154 7.87 -24.35 12.97
CA LEU D 154 9.09 -23.61 12.64
C LEU D 154 8.76 -22.27 12.02
N GLU D 155 7.75 -22.22 11.15
CA GLU D 155 7.39 -20.98 10.48
C GLU D 155 6.90 -19.93 11.47
N CYS D 156 6.07 -20.34 12.44
CA CYS D 156 5.57 -19.40 13.43
C CYS D 156 6.66 -18.98 14.40
N TRP D 157 7.59 -19.88 14.71
CA TRP D 157 8.69 -19.52 15.60
C TRP D 157 9.68 -18.59 14.92
N LEU D 158 9.98 -18.84 13.64
CA LEU D 158 10.94 -18.02 12.93
C LEU D 158 10.37 -16.64 12.61
N SER D 159 9.09 -16.57 12.25
CA SER D 159 8.50 -15.29 11.86
C SER D 159 8.29 -14.36 13.04
N LEU D 160 8.18 -14.89 14.25
CA LEU D 160 7.99 -14.07 15.44
C LEU D 160 9.22 -13.98 16.33
N GLY D 161 10.08 -14.99 16.31
CA GLY D 161 11.26 -14.99 17.14
C GLY D 161 12.47 -14.37 16.49
N HIS D 162 12.61 -14.56 15.18
CA HIS D 162 13.69 -13.96 14.39
C HIS D 162 13.08 -13.31 13.16
N PRO D 163 12.40 -12.17 13.33
CA PRO D 163 11.72 -11.54 12.18
C PRO D 163 12.65 -11.09 11.08
N PHE D 164 13.88 -10.67 11.40
CA PHE D 164 14.81 -10.23 10.37
C PHE D 164 15.36 -11.41 9.59
N PHE D 165 15.61 -12.53 10.26
CA PHE D 165 16.07 -13.74 9.58
C PHE D 165 14.98 -14.30 8.68
N TYR D 166 13.73 -14.25 9.13
CA TYR D 166 12.60 -14.74 8.34
C TYR D 166 12.41 -13.92 7.07
N ARG D 167 12.72 -12.63 7.13
CA ARG D 167 12.46 -11.74 6.00
C ARG D 167 13.40 -12.03 4.84
N ARG D 168 14.68 -12.29 5.12
CA ARG D 168 15.67 -12.44 4.06
C ARG D 168 15.96 -13.88 3.68
N HIS D 169 15.28 -14.86 4.28
CA HIS D 169 15.59 -16.23 3.90
C HIS D 169 14.37 -17.05 3.53
N ILE D 170 13.24 -16.86 4.21
CA ILE D 170 12.03 -17.63 3.92
C ILE D 170 11.20 -16.87 2.89
N THR D 171 10.90 -17.55 1.79
CA THR D 171 10.17 -16.99 0.67
C THR D 171 8.87 -17.75 0.50
N LEU D 172 7.94 -17.16 -0.26
CA LEU D 172 6.70 -17.85 -0.62
C LEU D 172 6.98 -19.12 -1.40
N ARG D 173 8.08 -19.14 -2.17
CA ARG D 173 8.45 -20.33 -2.92
C ARG D 173 8.79 -21.49 -1.99
N LEU D 174 9.49 -21.20 -0.88
CA LEU D 174 9.86 -22.25 0.06
C LEU D 174 8.62 -22.84 0.72
N GLY D 175 7.67 -22.00 1.14
CA GLY D 175 6.46 -22.48 1.76
C GLY D 175 5.53 -23.22 0.82
N ALA D 176 5.65 -22.97 -0.48
CA ALA D 176 4.83 -23.68 -1.46
C ALA D 176 5.32 -25.11 -1.68
N LEU D 177 6.61 -25.37 -1.47
CA LEU D 177 7.18 -26.69 -1.71
C LEU D 177 7.56 -27.42 -0.42
N VAL D 178 7.04 -26.98 0.72
CA VAL D 178 7.26 -27.73 1.96
C VAL D 178 6.52 -29.05 1.91
N ALA D 179 5.25 -29.02 1.53
CA ALA D 179 4.45 -30.25 1.47
C ALA D 179 4.94 -31.27 0.46
N PRO D 180 5.30 -30.92 -0.79
CA PRO D 180 5.85 -31.95 -1.69
C PRO D 180 7.16 -32.57 -1.22
N VAL D 181 8.03 -31.82 -0.54
CA VAL D 181 9.30 -32.38 -0.09
C VAL D 181 9.09 -33.34 1.08
N VAL D 182 8.25 -32.95 2.04
CA VAL D 182 8.00 -33.85 3.17
C VAL D 182 7.15 -35.03 2.78
N SER D 183 6.39 -34.92 1.68
CA SER D 183 5.66 -36.08 1.18
C SER D 183 6.57 -37.05 0.44
N ALA D 184 7.60 -36.54 -0.24
CA ALA D 184 8.55 -37.43 -0.92
C ALA D 184 9.42 -38.17 0.08
N PHE D 185 9.78 -37.52 1.18
CA PHE D 185 10.55 -38.19 2.21
C PHE D 185 9.72 -39.25 2.93
N SER D 186 8.47 -38.91 3.27
CA SER D 186 7.62 -39.85 3.99
C SER D 186 7.26 -41.05 3.12
N LEU D 187 7.06 -40.84 1.82
CA LEU D 187 6.82 -41.95 0.92
C LEU D 187 8.03 -42.88 0.83
N ALA D 188 9.22 -42.29 0.81
CA ALA D 188 10.43 -43.11 0.74
C ALA D 188 10.79 -43.75 2.08
N PHE D 189 10.51 -43.06 3.19
CA PHE D 189 10.84 -43.62 4.50
C PHE D 189 9.89 -44.76 4.87
N CYS D 190 8.59 -44.57 4.63
CA CYS D 190 7.60 -45.57 5.01
C CYS D 190 7.62 -46.79 4.11
N ALA D 191 8.36 -46.75 3.01
CA ALA D 191 8.50 -47.88 2.11
C ALA D 191 9.66 -48.79 2.49
N LEU D 192 10.33 -48.52 3.61
CA LEU D 192 11.44 -49.36 4.05
C LEU D 192 11.06 -50.82 4.32
N PRO D 193 9.93 -51.17 4.95
CA PRO D 193 9.59 -52.59 5.08
C PRO D 193 9.37 -53.30 3.76
N PHE D 194 9.05 -52.58 2.68
CA PHE D 194 8.93 -53.23 1.38
C PHE D 194 10.28 -53.69 0.85
N MET D 195 11.36 -53.03 1.26
CA MET D 195 12.71 -53.41 0.85
C MET D 195 13.35 -54.41 1.79
N GLY D 196 12.70 -54.76 2.89
CA GLY D 196 13.20 -55.76 3.81
C GLY D 196 13.62 -55.26 5.18
N PHE D 197 13.12 -54.12 5.64
CA PHE D 197 13.47 -53.56 6.94
C PHE D 197 12.17 -53.22 7.67
N GLY D 198 11.61 -54.19 8.38
CA GLY D 198 10.33 -54.04 9.04
C GLY D 198 9.26 -54.91 8.39
N LYS D 199 8.09 -54.91 9.03
CA LYS D 199 6.98 -55.73 8.58
C LYS D 199 5.66 -54.99 8.81
N PHE D 200 4.65 -55.41 8.06
CA PHE D 200 3.27 -54.96 8.24
C PHE D 200 2.41 -56.16 8.62
N VAL D 201 1.50 -55.97 9.56
CA VAL D 201 0.65 -57.05 10.06
C VAL D 201 -0.75 -56.52 10.28
N GLN D 202 -1.72 -57.44 10.29
CA GLN D 202 -3.12 -57.10 10.49
C GLN D 202 -3.48 -57.21 11.97
N TYR D 203 -4.15 -56.19 12.49
CA TYR D 203 -4.51 -56.11 13.90
C TYR D 203 -5.96 -56.51 14.10
N CYS D 204 -6.29 -56.87 15.33
CA CYS D 204 -7.67 -57.19 15.67
C CYS D 204 -8.53 -55.92 15.66
N PRO D 205 -9.80 -56.03 15.25
CA PRO D 205 -10.52 -57.23 14.81
C PRO D 205 -10.43 -57.50 13.31
N GLY D 206 -9.29 -57.26 12.67
CA GLY D 206 -9.17 -57.51 11.25
C GLY D 206 -9.60 -56.38 10.35
N THR D 207 -9.96 -55.22 10.91
CA THR D 207 -10.44 -54.09 10.14
C THR D 207 -9.34 -53.08 9.82
N TRP D 208 -8.10 -53.34 10.21
CA TRP D 208 -7.01 -52.41 9.94
C TRP D 208 -5.68 -53.15 9.99
N CYS D 209 -4.65 -52.53 9.42
CA CYS D 209 -3.30 -53.05 9.43
C CYS D 209 -2.34 -51.93 9.78
N PHE D 210 -1.17 -52.29 10.32
CA PHE D 210 -0.18 -51.32 10.73
C PHE D 210 1.18 -52.02 10.82
N ILE D 211 2.19 -51.25 11.26
CA ILE D 211 3.52 -51.79 11.48
C ILE D 211 3.49 -52.81 12.60
N GLN D 212 4.16 -53.93 12.39
CA GLN D 212 4.30 -54.92 13.46
C GLN D 212 5.28 -54.40 14.50
N MET D 213 4.83 -54.34 15.76
CA MET D 213 5.62 -53.76 16.84
C MET D 213 6.12 -54.79 17.84
N VAL D 214 5.67 -56.03 17.76
CA VAL D 214 6.09 -57.10 18.67
C VAL D 214 6.60 -58.26 17.83
N HIS D 215 7.77 -58.79 18.18
CA HIS D 215 8.30 -59.98 17.56
C HIS D 215 8.66 -60.98 18.65
N GLU D 216 8.21 -62.23 18.48
CA GLU D 216 8.41 -63.25 19.51
C GLU D 216 9.88 -63.58 19.70
N GLU D 217 10.63 -63.69 18.60
CA GLU D 217 12.04 -64.06 18.65
C GLU D 217 12.98 -62.88 18.73
N GLY D 218 12.45 -61.66 18.80
CA GLY D 218 13.29 -60.48 18.90
C GLY D 218 14.14 -60.20 17.68
N SER D 219 13.57 -60.31 16.49
CA SER D 219 14.32 -60.07 15.27
C SER D 219 14.70 -58.60 15.16
N LEU D 220 15.94 -58.36 14.71
CA LEU D 220 16.41 -56.99 14.54
C LEU D 220 15.82 -56.34 13.30
N SER D 221 15.43 -57.13 12.30
CA SER D 221 14.84 -56.56 11.10
C SER D 221 13.46 -55.99 11.38
N VAL D 222 12.67 -56.66 12.22
CA VAL D 222 11.31 -56.22 12.49
C VAL D 222 11.30 -55.12 13.56
N LEU D 223 11.98 -55.37 14.68
CA LEU D 223 11.97 -54.42 15.78
C LEU D 223 12.85 -53.20 15.50
N GLY D 224 13.81 -53.32 14.59
CA GLY D 224 14.66 -52.18 14.26
C GLY D 224 13.91 -51.05 13.58
N TYR D 225 13.02 -51.39 12.65
CA TYR D 225 12.25 -50.36 11.96
C TYR D 225 11.16 -49.77 12.85
N SER D 226 10.54 -50.60 13.68
CA SER D 226 9.48 -50.13 14.55
C SER D 226 10.01 -49.12 15.57
N VAL D 227 11.22 -49.35 16.07
CA VAL D 227 11.86 -48.39 16.97
C VAL D 227 12.29 -47.14 16.20
N LEU D 228 12.82 -47.34 14.99
CA LEU D 228 13.29 -46.20 14.19
C LEU D 228 12.14 -45.30 13.76
N TYR D 229 11.00 -45.89 13.40
CA TYR D 229 9.84 -45.09 13.04
C TYR D 229 9.33 -44.27 14.21
N SER D 230 9.32 -44.85 15.41
CA SER D 230 8.79 -44.16 16.58
C SER D 230 9.80 -43.25 17.24
N SER D 231 11.10 -43.50 17.05
CA SER D 231 12.10 -42.55 17.53
C SER D 231 12.11 -41.29 16.68
N LEU D 232 11.93 -41.45 15.37
CA LEU D 232 11.78 -40.29 14.49
C LEU D 232 10.51 -39.52 14.81
N MET D 233 9.41 -40.23 15.09
CA MET D 233 8.16 -39.57 15.45
C MET D 233 8.27 -38.86 16.79
N ALA D 234 9.03 -39.42 17.73
CA ALA D 234 9.22 -38.77 19.02
C ALA D 234 10.03 -37.50 18.89
N LEU D 235 11.03 -37.49 18.01
CA LEU D 235 11.83 -36.28 17.81
C LEU D 235 11.03 -35.20 17.09
N LEU D 236 10.19 -35.58 16.13
CA LEU D 236 9.33 -34.61 15.46
C LEU D 236 8.31 -34.02 16.41
N VAL D 237 7.75 -34.86 17.29
CA VAL D 237 6.80 -34.37 18.29
C VAL D 237 7.49 -33.45 19.29
N LEU D 238 8.70 -33.83 19.72
CA LEU D 238 9.44 -33.01 20.67
C LEU D 238 9.83 -31.67 20.08
N ALA D 239 10.27 -31.65 18.82
CA ALA D 239 10.65 -30.39 18.19
C ALA D 239 9.45 -29.51 17.90
N THR D 240 8.29 -30.11 17.62
CA THR D 240 7.08 -29.33 17.41
C THR D 240 6.63 -28.64 18.69
N VAL D 241 6.74 -29.32 19.83
CA VAL D 241 6.37 -28.73 21.10
C VAL D 241 7.31 -27.59 21.46
N LEU D 242 8.61 -27.76 21.19
CA LEU D 242 9.59 -26.73 21.54
C LEU D 242 9.44 -25.51 20.64
N CYS D 243 9.14 -25.70 19.36
CA CYS D 243 8.93 -24.56 18.48
C CYS D 243 7.63 -23.85 18.80
N ASN D 244 6.58 -24.60 19.15
CA ASN D 244 5.34 -23.98 19.59
C ASN D 244 5.53 -23.22 20.90
N LEU D 245 6.33 -23.78 21.81
CA LEU D 245 6.61 -23.08 23.07
C LEU D 245 7.45 -21.84 22.84
N GLY D 246 8.41 -21.91 21.91
CA GLY D 246 9.19 -20.73 21.56
C GLY D 246 8.37 -19.66 20.87
N ALA D 247 7.39 -20.06 20.05
CA ALA D 247 6.50 -19.09 19.43
C ALA D 247 5.53 -18.50 20.45
N MET D 248 5.05 -19.33 21.38
CA MET D 248 4.16 -18.83 22.43
C MET D 248 4.88 -17.88 23.38
N ARG D 249 6.20 -18.04 23.52
CA ARG D 249 6.96 -17.14 24.38
C ARG D 249 7.07 -15.74 23.77
N ASN D 250 7.17 -15.66 22.44
CA ASN D 250 7.20 -14.36 21.77
C ASN D 250 5.80 -13.73 21.72
N LEU D 251 4.77 -14.55 21.55
CA LEU D 251 3.40 -14.04 21.50
C LEU D 251 2.99 -13.41 22.81
N TYR D 252 3.51 -13.91 23.94
CA TYR D 252 3.23 -13.27 25.22
C TYR D 252 4.07 -12.00 25.41
N ALA D 253 5.30 -11.98 24.89
CA ALA D 253 6.11 -10.77 24.98
C ALA D 253 5.57 -9.68 24.07
N MET D 254 5.00 -10.04 22.92
CA MET D 254 4.37 -9.06 22.06
C MET D 254 3.16 -8.42 22.74
N HIS D 255 2.37 -9.23 23.44
CA HIS D 255 1.18 -8.73 24.12
C HIS D 255 1.56 -7.79 25.27
N ARG D 256 2.64 -8.11 25.97
CA ARG D 256 3.01 -7.31 27.14
C ARG D 256 3.58 -5.96 26.77
N ARG D 257 4.24 -5.84 25.61
CA ARG D 257 4.69 -4.54 25.14
C ARG D 257 3.50 -3.67 24.74
N LEU D 258 2.48 -4.28 24.15
CA LEU D 258 1.26 -3.56 23.82
C LEU D 258 0.48 -3.16 25.06
N GLN D 259 0.63 -3.89 26.16
CA GLN D 259 -0.04 -3.53 27.41
C GLN D 259 0.46 -2.20 27.95
N ARG D 260 1.77 -1.93 27.79
CA ARG D 260 2.31 -0.65 28.21
C ARG D 260 1.80 0.50 27.34
N HIS D 261 1.38 0.20 26.11
CA HIS D 261 0.81 1.18 25.16
C HIS D 261 1.75 2.35 24.90
N PRO D 281 -15.78 -7.86 12.21
CA PRO D 281 -15.27 -8.15 13.57
C PRO D 281 -13.83 -7.72 13.75
N GLN D 282 -13.42 -7.53 15.00
CA GLN D 282 -12.05 -7.12 15.28
C GLN D 282 -11.08 -8.27 14.96
N PRO D 283 -9.87 -7.93 14.49
CA PRO D 283 -8.90 -8.98 14.19
C PRO D 283 -8.38 -9.66 15.45
N LEU D 284 -7.81 -10.84 15.25
CA LEU D 284 -7.30 -11.63 16.37
C LEU D 284 -6.07 -10.96 16.97
N GLU D 285 -6.03 -10.94 18.31
CA GLU D 285 -4.93 -10.34 19.05
C GLU D 285 -3.81 -11.35 19.22
N GLU D 286 -2.85 -11.03 20.09
CA GLU D 286 -1.79 -11.98 20.40
C GLU D 286 -2.26 -13.09 21.33
N LEU D 287 -3.17 -12.78 22.26
CA LEU D 287 -3.55 -13.75 23.27
C LEU D 287 -4.42 -14.86 22.70
N ASP D 288 -5.35 -14.53 21.81
CA ASP D 288 -6.16 -15.58 21.20
C ASP D 288 -5.45 -16.30 20.08
N HIS D 289 -4.28 -15.81 19.64
CA HIS D 289 -3.37 -16.65 18.87
C HIS D 289 -2.63 -17.63 19.78
N LEU D 290 -2.27 -17.17 20.98
CA LEU D 290 -1.61 -18.04 21.95
C LEU D 290 -2.58 -19.09 22.49
N LEU D 291 -3.86 -18.75 22.59
CA LEU D 291 -4.86 -19.72 23.03
C LEU D 291 -5.04 -20.84 22.00
N LEU D 292 -4.96 -20.50 20.71
CA LEU D 292 -5.07 -21.52 19.68
C LEU D 292 -3.81 -22.36 19.58
N LEU D 293 -2.65 -21.80 19.93
CA LEU D 293 -1.42 -22.58 19.92
C LEU D 293 -1.35 -23.52 21.12
N ALA D 294 -1.85 -23.08 22.27
CA ALA D 294 -1.86 -23.94 23.46
C ALA D 294 -2.82 -25.11 23.28
N LEU D 295 -3.95 -24.86 22.62
CA LEU D 295 -4.89 -25.95 22.33
C LEU D 295 -4.28 -26.96 21.37
N MET D 296 -3.55 -26.48 20.36
CA MET D 296 -2.95 -27.40 19.40
C MET D 296 -1.80 -28.19 20.03
N THR D 297 -1.00 -27.54 20.88
CA THR D 297 0.14 -28.22 21.48
C THR D 297 -0.29 -29.35 22.39
N VAL D 298 -1.34 -29.13 23.19
CA VAL D 298 -1.79 -30.17 24.11
C VAL D 298 -2.43 -31.33 23.35
N LEU D 299 -3.28 -31.02 22.37
CA LEU D 299 -3.97 -32.09 21.65
C LEU D 299 -3.03 -32.87 20.74
N PHE D 300 -2.05 -32.20 20.13
CA PHE D 300 -1.08 -32.89 19.29
C PHE D 300 -0.19 -33.81 20.12
N THR D 301 0.21 -33.36 21.31
CA THR D 301 1.01 -34.21 22.18
C THR D 301 0.20 -35.38 22.72
N MET D 302 -1.03 -35.11 23.17
CA MET D 302 -1.85 -36.16 23.77
C MET D 302 -2.26 -37.22 22.77
N CYS D 303 -2.40 -36.86 21.50
CA CYS D 303 -2.84 -37.81 20.48
C CYS D 303 -1.69 -38.52 19.78
N SER D 304 -0.45 -38.14 20.05
CA SER D 304 0.71 -38.77 19.42
C SER D 304 1.51 -39.66 20.36
N LEU D 305 1.46 -39.38 21.66
CA LEU D 305 2.15 -40.24 22.62
C LEU D 305 1.66 -41.69 22.67
N PRO D 306 0.35 -42.01 22.58
CA PRO D 306 -0.04 -43.43 22.68
C PRO D 306 0.59 -44.34 21.63
N VAL D 307 0.77 -43.87 20.40
CA VAL D 307 1.34 -44.75 19.38
C VAL D 307 2.86 -44.87 19.54
N ILE D 308 3.50 -43.85 20.13
CA ILE D 308 4.92 -43.94 20.43
C ILE D 308 5.17 -44.92 21.57
N TYR D 309 4.28 -44.90 22.58
CA TYR D 309 4.43 -45.81 23.71
C TYR D 309 4.24 -47.26 23.30
N ARG D 310 3.36 -47.54 22.34
CA ARG D 310 3.09 -48.92 21.95
C ARG D 310 4.32 -49.58 21.32
N ALA D 311 5.10 -48.81 20.56
CA ALA D 311 6.28 -49.38 19.92
C ALA D 311 7.41 -49.62 20.90
N TYR D 312 7.61 -48.70 21.85
CA TYR D 312 8.65 -48.89 22.86
C TYR D 312 8.26 -49.95 23.87
N TYR D 313 6.96 -50.07 24.18
CA TYR D 313 6.51 -51.15 25.04
C TYR D 313 6.67 -52.51 24.36
N GLY D 314 6.33 -52.60 23.08
CA GLY D 314 6.39 -53.88 22.40
C GLY D 314 7.81 -54.37 22.18
N ALA D 315 8.74 -53.45 21.90
CA ALA D 315 10.10 -53.86 21.54
C ALA D 315 10.91 -54.31 22.75
N PHE D 316 10.72 -53.66 23.90
CA PHE D 316 11.63 -53.84 25.02
C PHE D 316 11.10 -54.75 26.12
N LYS D 317 9.79 -54.76 26.36
CA LYS D 317 9.23 -55.65 27.36
C LYS D 317 9.03 -57.04 26.77
N ASP D 318 9.30 -58.06 27.57
CA ASP D 318 9.15 -59.44 27.13
C ASP D 318 7.70 -59.77 26.81
N VAL D 319 7.50 -60.59 25.78
CA VAL D 319 6.15 -60.95 25.35
C VAL D 319 5.51 -61.94 26.33
N LYS D 320 6.29 -62.61 27.16
CA LYS D 320 5.76 -63.60 28.07
C LYS D 320 5.00 -62.99 29.25
N GLU D 321 5.11 -61.69 29.45
CA GLU D 321 4.44 -61.01 30.56
C GLU D 321 3.28 -60.14 30.09
N LYS D 322 2.77 -60.37 28.89
CA LYS D 322 1.73 -59.56 28.29
C LYS D 322 0.44 -60.37 28.15
N ASN D 323 -0.67 -59.76 28.53
CA ASN D 323 -2.00 -60.35 28.35
C ASN D 323 -2.54 -59.90 27.00
N ARG D 324 -2.79 -60.87 26.10
CA ARG D 324 -3.11 -60.54 24.72
C ARG D 324 -4.44 -59.81 24.60
N THR D 325 -5.42 -60.17 25.42
CA THR D 325 -6.72 -59.51 25.37
C THR D 325 -6.62 -58.03 25.72
N SER D 326 -5.77 -57.70 26.70
CA SER D 326 -5.59 -56.30 27.07
C SER D 326 -4.84 -55.53 25.99
N GLU D 327 -3.80 -56.14 25.39
CA GLU D 327 -2.98 -55.45 24.42
C GLU D 327 -3.71 -55.20 23.10
N GLU D 328 -4.71 -56.02 22.77
CA GLU D 328 -5.48 -55.79 21.54
C GLU D 328 -6.24 -54.48 21.61
N ALA D 329 -6.83 -54.18 22.77
CA ALA D 329 -7.60 -52.94 22.91
C ALA D 329 -6.70 -51.73 23.02
N GLU D 330 -5.48 -51.89 23.53
CA GLU D 330 -4.57 -50.76 23.66
C GLU D 330 -3.96 -50.37 22.31
N ASP D 331 -3.67 -51.35 21.46
CA ASP D 331 -3.18 -51.04 20.12
C ASP D 331 -4.24 -50.33 19.29
N LEU D 332 -5.50 -50.74 19.43
CA LEU D 332 -6.58 -50.11 18.68
C LEU D 332 -6.88 -48.72 19.20
N ARG D 333 -6.81 -48.53 20.51
CA ARG D 333 -7.08 -47.21 21.10
C ARG D 333 -6.02 -46.20 20.69
N ALA D 334 -4.77 -46.65 20.57
CA ALA D 334 -3.67 -45.74 20.25
C ALA D 334 -3.83 -45.13 18.86
N LEU D 335 -4.30 -45.93 17.90
CA LEU D 335 -4.49 -45.43 16.53
C LEU D 335 -5.80 -44.68 16.36
N ARG D 336 -6.78 -44.91 17.23
CA ARG D 336 -7.95 -44.03 17.27
C ARG D 336 -7.57 -42.64 17.74
N PHE D 337 -6.64 -42.55 18.70
CA PHE D 337 -6.17 -41.25 19.17
C PHE D 337 -5.44 -40.49 18.08
N LEU D 338 -4.62 -41.18 17.29
CA LEU D 338 -3.85 -40.52 16.24
C LEU D 338 -4.75 -39.93 15.17
N SER D 339 -5.95 -40.48 14.99
CA SER D 339 -6.88 -39.98 14.00
C SER D 339 -7.60 -38.72 14.44
N VAL D 340 -7.52 -38.35 15.73
CA VAL D 340 -8.17 -37.15 16.22
C VAL D 340 -7.43 -35.90 15.77
N ILE D 341 -6.16 -36.04 15.37
CA ILE D 341 -5.39 -34.88 14.91
C ILE D 341 -5.99 -34.33 13.62
N SER D 342 -6.40 -35.20 12.70
CA SER D 342 -7.02 -34.75 11.46
C SER D 342 -8.39 -34.12 11.69
N ILE D 343 -9.10 -34.56 12.73
CA ILE D 343 -10.43 -34.02 13.00
C ILE D 343 -10.34 -32.60 13.52
N VAL D 344 -9.40 -32.32 14.42
CA VAL D 344 -9.32 -31.00 15.05
C VAL D 344 -8.38 -30.05 14.32
N ASP D 345 -7.65 -30.52 13.31
CA ASP D 345 -6.80 -29.63 12.53
C ASP D 345 -7.56 -28.53 11.79
N PRO D 346 -8.66 -28.78 11.07
CA PRO D 346 -9.36 -27.67 10.40
C PRO D 346 -9.92 -26.63 11.34
N TRP D 347 -10.34 -27.02 12.55
CA TRP D 347 -10.94 -26.06 13.46
C TRP D 347 -9.90 -25.12 14.05
N ILE D 348 -8.72 -25.65 14.37
CA ILE D 348 -7.69 -24.82 15.00
C ILE D 348 -7.12 -23.81 14.01
N PHE D 349 -6.86 -24.23 12.77
CA PHE D 349 -6.14 -23.40 11.83
C PHE D 349 -7.03 -22.60 10.89
N ILE D 350 -8.27 -23.02 10.65
CA ILE D 350 -9.08 -22.38 9.62
C ILE D 350 -10.40 -21.86 10.16
N ILE D 351 -11.22 -22.76 10.72
CA ILE D 351 -12.61 -22.43 11.01
C ILE D 351 -12.72 -21.44 12.17
N PHE D 352 -11.90 -21.60 13.20
CA PHE D 352 -11.98 -20.69 14.34
C PHE D 352 -11.40 -19.31 14.03
N ARG D 353 -10.75 -19.13 12.88
CA ARG D 353 -10.17 -17.86 12.49
C ARG D 353 -11.01 -17.13 11.44
N SER D 354 -12.26 -17.55 11.25
CA SER D 354 -13.15 -16.95 10.26
C SER D 354 -14.13 -16.00 10.94
N PRO D 355 -14.38 -14.84 10.33
CA PRO D 355 -15.38 -13.93 10.88
C PRO D 355 -16.79 -14.49 10.85
N VAL D 356 -17.07 -15.46 9.97
CA VAL D 356 -18.37 -16.12 9.96
C VAL D 356 -18.59 -16.87 11.27
N PHE D 357 -17.58 -17.59 11.74
CA PHE D 357 -17.67 -18.27 13.02
C PHE D 357 -17.51 -17.30 14.18
N ARG D 358 -16.73 -16.24 14.00
CA ARG D 358 -16.34 -15.38 15.12
C ARG D 358 -17.48 -14.52 15.62
N ILE D 359 -18.53 -14.29 14.82
CA ILE D 359 -19.63 -13.44 15.26
C ILE D 359 -20.54 -14.14 16.26
N PHE D 360 -20.44 -15.47 16.38
CA PHE D 360 -21.25 -16.19 17.37
C PHE D 360 -20.72 -15.97 18.77
N PHE D 361 -19.47 -16.33 19.01
CA PHE D 361 -18.87 -16.13 20.33
C PHE D 361 -18.54 -14.67 20.59
N HIS D 362 -18.28 -13.90 19.53
CA HIS D 362 -17.93 -12.48 19.58
C HIS D 362 -16.66 -12.21 20.38
N LYS D 363 -15.86 -13.26 20.63
CA LYS D 363 -14.61 -13.20 21.39
C LYS D 363 -14.79 -12.51 22.74
N ILE D 364 -13.78 -11.76 23.17
CA ILE D 364 -13.83 -11.07 24.45
C ILE D 364 -13.70 -9.56 24.25
N GLN E 2 -13.88 28.25 -11.04
CA GLN E 2 -12.72 28.82 -10.38
C GLN E 2 -12.95 28.87 -8.87
N VAL E 3 -12.04 28.25 -8.11
CA VAL E 3 -12.16 28.22 -6.66
C VAL E 3 -11.83 29.60 -6.11
N GLN E 4 -12.75 30.16 -5.33
CA GLN E 4 -12.58 31.50 -4.78
C GLN E 4 -13.10 31.53 -3.35
N LEU E 5 -12.33 32.15 -2.46
CA LEU E 5 -12.72 32.36 -1.08
C LEU E 5 -12.56 33.85 -0.77
N GLN E 6 -13.61 34.46 -0.22
CA GLN E 6 -13.61 35.89 0.08
C GLN E 6 -13.98 36.09 1.55
N GLU E 7 -13.11 36.76 2.29
CA GLU E 7 -13.33 37.01 3.71
C GLU E 7 -13.82 38.43 3.94
N SER E 8 -14.53 38.60 5.06
CA SER E 8 -15.02 39.90 5.47
C SER E 8 -15.28 39.88 6.97
N GLY E 9 -15.39 41.07 7.55
CA GLY E 9 -15.74 41.22 8.94
C GLY E 9 -14.62 41.73 9.84
N GLY E 10 -13.40 41.84 9.33
CA GLY E 10 -12.30 42.32 10.13
C GLY E 10 -12.32 43.82 10.33
N GLY E 11 -11.49 44.28 11.26
CA GLY E 11 -11.39 45.69 11.52
C GLY E 11 -10.85 45.95 12.92
N LEU E 12 -10.70 47.24 13.21
CA LEU E 12 -10.20 47.65 14.51
C LEU E 12 -11.24 47.40 15.59
N VAL E 13 -10.79 46.87 16.73
CA VAL E 13 -11.67 46.56 17.85
C VAL E 13 -10.90 46.76 19.14
N GLN E 14 -11.59 47.23 20.17
CA GLN E 14 -10.98 47.43 21.48
C GLN E 14 -10.67 46.07 22.12
N PRO E 15 -9.74 46.04 23.09
CA PRO E 15 -9.51 44.81 23.85
C PRO E 15 -10.77 44.39 24.59
N GLY E 16 -11.02 43.08 24.60
CA GLY E 16 -12.24 42.54 25.15
C GLY E 16 -13.45 42.61 24.23
N GLY E 17 -13.28 43.12 23.02
CA GLY E 17 -14.39 43.25 22.09
C GLY E 17 -14.66 41.96 21.35
N SER E 18 -15.69 42.02 20.49
CA SER E 18 -16.13 40.86 19.73
C SER E 18 -16.22 41.21 18.26
N LEU E 19 -15.79 40.28 17.41
CA LEU E 19 -15.88 40.41 15.97
C LEU E 19 -16.40 39.12 15.37
N ARG E 20 -17.22 39.24 14.34
CA ARG E 20 -17.73 38.10 13.59
C ARG E 20 -17.14 38.13 12.18
N LEU E 21 -16.54 37.01 11.78
CA LEU E 21 -15.88 36.91 10.49
C LEU E 21 -16.68 35.98 9.58
N SER E 22 -16.73 36.32 8.30
CA SER E 22 -17.47 35.54 7.31
C SER E 22 -16.55 35.18 6.15
N CYS E 23 -16.84 34.05 5.52
CA CYS E 23 -16.04 33.56 4.40
C CYS E 23 -17.00 33.02 3.34
N ALA E 24 -17.22 33.81 2.30
CA ALA E 24 -18.08 33.38 1.20
C ALA E 24 -17.27 32.52 0.23
N ALA E 25 -17.78 31.32 -0.04
CA ALA E 25 -17.10 30.36 -0.89
C ALA E 25 -17.88 30.13 -2.17
N SER E 26 -17.14 29.90 -3.26
CA SER E 26 -17.75 29.59 -4.55
C SER E 26 -16.74 28.81 -5.38
N GLY E 27 -17.23 28.15 -6.41
CA GLY E 27 -16.40 27.36 -7.29
C GLY E 27 -16.20 25.92 -6.87
N PHE E 28 -16.78 25.50 -5.76
CA PHE E 28 -16.66 24.12 -5.31
C PHE E 28 -17.84 23.78 -4.42
N THR E 29 -18.03 22.48 -4.20
CA THR E 29 -19.09 21.99 -3.31
C THR E 29 -18.66 22.20 -1.87
N PHE E 30 -19.31 23.15 -1.20
CA PHE E 30 -18.87 23.55 0.14
C PHE E 30 -19.08 22.45 1.18
N SER E 31 -20.06 21.56 0.95
CA SER E 31 -20.38 20.53 1.93
C SER E 31 -19.45 19.32 1.87
N ASN E 32 -18.67 19.18 0.80
CA ASN E 32 -17.78 18.03 0.65
C ASN E 32 -16.39 18.26 1.25
N TYR E 33 -16.11 19.46 1.74
CA TYR E 33 -14.76 19.84 2.15
C TYR E 33 -14.73 20.24 3.61
N LYS E 34 -13.56 20.05 4.23
CA LYS E 34 -13.28 20.52 5.57
C LYS E 34 -12.65 21.91 5.49
N MET E 35 -13.07 22.79 6.39
CA MET E 35 -12.68 24.19 6.34
C MET E 35 -11.83 24.55 7.55
N ASN E 36 -10.95 25.53 7.37
CA ASN E 36 -10.02 25.95 8.41
C ASN E 36 -9.98 27.46 8.49
N TRP E 37 -9.55 27.96 9.65
CA TRP E 37 -9.19 29.36 9.84
C TRP E 37 -7.71 29.41 10.20
N VAL E 38 -6.96 30.28 9.51
CA VAL E 38 -5.55 30.49 9.80
C VAL E 38 -5.28 31.98 9.87
N ARG E 39 -4.23 32.33 10.61
CA ARG E 39 -3.85 33.72 10.80
C ARG E 39 -2.34 33.87 10.66
N GLN E 40 -1.92 35.09 10.34
CA GLN E 40 -0.50 35.41 10.20
C GLN E 40 -0.21 36.68 10.99
N ALA E 41 0.62 36.55 12.02
CA ALA E 41 1.04 37.69 12.82
C ALA E 41 1.93 38.61 11.99
N PRO E 42 2.01 39.90 12.37
CA PRO E 42 2.86 40.83 11.60
C PRO E 42 4.32 40.44 11.51
N GLY E 43 4.85 39.72 12.51
CA GLY E 43 6.24 39.31 12.46
C GLY E 43 6.46 37.82 12.34
N LYS E 44 5.44 37.04 12.67
CA LYS E 44 5.55 35.59 12.70
C LYS E 44 5.03 34.98 11.39
N GLY E 45 4.92 33.66 11.37
CA GLY E 45 4.41 32.95 10.22
C GLY E 45 2.94 32.58 10.37
N LEU E 46 2.47 31.78 9.42
CA LEU E 46 1.07 31.36 9.40
C LEU E 46 0.80 30.34 10.51
N GLU E 47 -0.28 30.54 11.26
CA GLU E 47 -0.62 29.70 12.39
C GLU E 47 -2.04 29.19 12.24
N TRP E 48 -2.23 27.89 12.46
CA TRP E 48 -3.56 27.30 12.41
C TRP E 48 -4.38 27.71 13.62
N VAL E 49 -5.66 28.01 13.41
CA VAL E 49 -6.54 28.51 14.46
C VAL E 49 -7.62 27.48 14.81
N SER E 50 -8.42 27.08 13.82
CA SER E 50 -9.56 26.21 14.07
C SER E 50 -9.93 25.47 12.80
N ASP E 51 -10.78 24.45 12.95
CA ASP E 51 -11.30 23.73 11.79
C ASP E 51 -12.66 23.14 12.14
N ILE E 52 -13.43 22.84 11.10
CA ILE E 52 -14.75 22.23 11.23
C ILE E 52 -14.91 21.22 10.11
N SER E 53 -15.61 20.12 10.40
CA SER E 53 -15.73 19.01 9.45
C SER E 53 -16.77 19.34 8.38
N GLN E 54 -17.07 18.34 7.54
CA GLN E 54 -17.99 18.55 6.43
C GLN E 54 -19.40 18.88 6.89
N SER E 55 -19.88 18.19 7.92
CA SER E 55 -21.23 18.40 8.45
C SER E 55 -21.21 19.03 9.84
N GLY E 56 -20.08 19.58 10.25
CA GLY E 56 -19.94 20.04 11.61
C GLY E 56 -19.71 18.87 12.56
N ALA E 57 -19.99 19.11 13.84
CA ALA E 57 -19.90 18.13 14.93
C ALA E 57 -18.50 17.58 15.13
N SER E 58 -17.47 18.19 14.52
CA SER E 58 -16.08 17.84 14.76
C SER E 58 -15.30 19.16 14.70
N ILE E 59 -15.13 19.78 15.86
CA ILE E 59 -14.57 21.12 15.98
C ILE E 59 -13.36 21.06 16.89
N SER E 60 -12.25 21.63 16.46
CA SER E 60 -11.04 21.73 17.27
C SER E 60 -10.44 23.12 17.13
N TYR E 61 -10.07 23.72 18.25
CA TYR E 61 -9.38 25.00 18.27
C TYR E 61 -7.94 24.80 18.75
N THR E 62 -7.10 25.76 18.42
CA THR E 62 -5.78 25.81 19.04
C THR E 62 -5.92 26.27 20.48
N GLY E 63 -4.85 26.04 21.26
CA GLY E 63 -4.93 26.25 22.69
C GLY E 63 -5.18 27.68 23.10
N SER E 64 -4.64 28.64 22.36
CA SER E 64 -4.74 30.03 22.76
C SER E 64 -6.12 30.63 22.53
N VAL E 65 -6.96 30.02 21.70
CA VAL E 65 -8.28 30.56 21.38
C VAL E 65 -9.40 29.68 21.87
N LYS E 66 -9.11 28.54 22.49
CA LYS E 66 -10.14 27.63 22.94
C LYS E 66 -10.96 28.27 24.05
N GLY E 67 -12.29 28.22 23.92
CA GLY E 67 -13.19 28.85 24.86
C GLY E 67 -13.54 30.29 24.53
N ARG E 68 -12.88 30.89 23.55
CA ARG E 68 -13.17 32.26 23.12
C ARG E 68 -13.63 32.34 21.67
N PHE E 69 -13.08 31.52 20.80
CA PHE E 69 -13.45 31.50 19.39
C PHE E 69 -14.48 30.41 19.14
N THR E 70 -15.34 30.64 18.16
CA THR E 70 -16.37 29.68 17.79
C THR E 70 -16.50 29.64 16.27
N ILE E 71 -16.17 28.51 15.67
CA ILE E 71 -16.29 28.35 14.23
C ILE E 71 -17.66 27.74 13.93
N SER E 72 -18.27 28.21 12.84
CA SER E 72 -19.61 27.78 12.45
C SER E 72 -19.65 27.59 10.95
N ARG E 73 -20.61 26.78 10.50
CA ARG E 73 -20.73 26.41 9.10
C ARG E 73 -22.18 26.54 8.66
N ASP E 74 -22.36 26.92 7.39
CA ASP E 74 -23.69 27.02 6.77
C ASP E 74 -23.58 26.43 5.37
N ASN E 75 -23.87 25.13 5.27
CA ASN E 75 -23.74 24.43 3.98
C ASN E 75 -24.79 24.88 2.97
N ALA E 76 -25.91 25.43 3.43
CA ALA E 76 -26.95 25.87 2.50
C ALA E 76 -26.51 27.10 1.72
N LYS E 77 -25.78 28.02 2.37
CA LYS E 77 -25.38 29.27 1.75
C LYS E 77 -23.88 29.35 1.47
N ASN E 78 -23.13 28.28 1.74
CA ASN E 78 -21.68 28.21 1.49
C ASN E 78 -20.94 29.34 2.21
N THR E 79 -21.17 29.45 3.51
CA THR E 79 -20.55 30.49 4.33
C THR E 79 -19.90 29.86 5.55
N LEU E 80 -18.70 30.33 5.87
CA LEU E 80 -17.97 29.89 7.06
C LEU E 80 -17.88 31.06 8.03
N TYR E 81 -18.06 30.78 9.31
CA TYR E 81 -18.08 31.81 10.35
C TYR E 81 -17.01 31.54 11.38
N LEU E 82 -16.56 32.61 12.03
CA LEU E 82 -15.68 32.53 13.19
C LEU E 82 -16.10 33.63 14.15
N GLN E 83 -16.72 33.26 15.26
CA GLN E 83 -17.16 34.22 16.26
C GLN E 83 -16.02 34.44 17.26
N MET E 84 -15.49 35.65 17.28
CA MET E 84 -14.42 36.02 18.20
C MET E 84 -15.03 36.74 19.40
N ASN E 85 -14.64 36.31 20.61
CA ASN E 85 -15.14 36.90 21.84
C ASN E 85 -13.97 37.18 22.78
N SER E 86 -14.05 38.32 23.46
CA SER E 86 -13.04 38.77 24.43
C SER E 86 -11.64 38.77 23.81
N LEU E 87 -11.48 39.58 22.77
CA LEU E 87 -10.25 39.60 22.00
C LEU E 87 -9.12 40.23 22.80
N LYS E 88 -7.90 39.80 22.50
CA LYS E 88 -6.68 40.20 23.17
C LYS E 88 -5.73 40.85 22.18
N PRO E 89 -4.81 41.70 22.66
CA PRO E 89 -3.89 42.39 21.73
C PRO E 89 -2.99 41.47 20.93
N GLU E 90 -2.76 40.24 21.38
CA GLU E 90 -1.96 39.30 20.61
C GLU E 90 -2.77 38.59 19.52
N ASP E 91 -4.04 38.92 19.36
CA ASP E 91 -4.87 38.38 18.30
C ASP E 91 -4.77 39.19 17.01
N THR E 92 -3.98 40.27 17.00
CA THR E 92 -3.84 41.11 15.83
C THR E 92 -3.09 40.35 14.74
N ALA E 93 -3.79 40.00 13.67
CA ALA E 93 -3.21 39.24 12.58
C ALA E 93 -4.10 39.41 11.36
N VAL E 94 -3.67 38.82 10.24
CA VAL E 94 -4.48 38.74 9.03
C VAL E 94 -5.08 37.34 9.01
N TYR E 95 -6.40 37.25 9.13
CA TYR E 95 -7.08 35.97 9.25
C TYR E 95 -7.54 35.48 7.88
N TYR E 96 -7.13 34.27 7.53
CA TYR E 96 -7.44 33.68 6.24
C TYR E 96 -8.43 32.52 6.41
N CYS E 97 -9.29 32.37 5.41
CA CYS E 97 -10.22 31.25 5.34
C CYS E 97 -9.63 30.22 4.38
N ALA E 98 -9.22 29.08 4.92
CA ALA E 98 -8.49 28.07 4.16
C ALA E 98 -9.33 26.82 4.01
N ARG E 99 -9.21 26.18 2.84
CA ARG E 99 -9.94 24.97 2.51
C ARG E 99 -8.97 23.81 2.37
N CYS E 100 -9.38 22.64 2.84
CA CYS E 100 -8.56 21.46 2.73
C CYS E 100 -8.47 21.02 1.27
N PRO E 101 -7.32 20.46 0.85
CA PRO E 101 -7.09 20.24 -0.59
C PRO E 101 -8.06 19.28 -1.26
N ALA E 102 -8.55 18.26 -0.56
CA ALA E 102 -9.31 17.21 -1.20
C ALA E 102 -10.63 16.98 -0.46
N PRO E 103 -11.67 16.54 -1.16
CA PRO E 103 -12.94 16.23 -0.50
C PRO E 103 -12.94 14.82 0.07
N PHE E 104 -13.82 14.63 1.05
CA PHE E 104 -14.04 13.34 1.72
C PHE E 104 -12.75 12.80 2.34
N THR E 105 -11.94 13.68 2.91
CA THR E 105 -10.67 13.30 3.50
C THR E 105 -10.59 13.74 4.96
N ARG E 106 -9.83 12.99 5.73
CA ARG E 106 -9.63 13.27 7.15
C ARG E 106 -8.43 14.21 7.38
N ASP E 107 -7.45 14.19 6.49
CA ASP E 107 -6.22 14.96 6.65
C ASP E 107 -6.29 16.26 5.84
N CYS E 108 -5.56 17.26 6.32
CA CYS E 108 -5.41 18.54 5.62
C CYS E 108 -3.95 18.95 5.75
N PHE E 109 -3.19 18.81 4.65
CA PHE E 109 -1.73 18.87 4.74
C PHE E 109 -1.20 20.30 4.74
N ASP E 110 -1.39 21.02 3.63
CA ASP E 110 -0.64 22.25 3.36
C ASP E 110 -1.47 23.51 3.60
N VAL E 111 -2.34 23.49 4.61
CA VAL E 111 -3.21 24.64 4.88
C VAL E 111 -2.39 25.84 5.33
N THR E 112 -1.44 25.62 6.23
CA THR E 112 -0.61 26.71 6.77
C THR E 112 0.63 26.98 5.92
N SER E 113 0.88 26.20 4.88
CA SER E 113 2.03 26.42 4.03
C SER E 113 1.86 27.70 3.21
N THR E 114 2.95 28.45 3.06
CA THR E 114 2.91 29.66 2.27
C THR E 114 2.72 29.34 0.79
N THR E 115 2.13 30.29 0.07
CA THR E 115 1.70 30.14 -1.33
C THR E 115 0.80 28.92 -1.49
N TYR E 116 -0.29 28.92 -0.73
CA TYR E 116 -1.29 27.87 -0.78
C TYR E 116 -2.44 28.32 -1.69
N ALA E 117 -2.83 27.45 -2.62
CA ALA E 117 -3.75 27.84 -3.68
C ALA E 117 -5.19 27.99 -3.19
N TYR E 118 -5.61 27.20 -2.20
CA TYR E 118 -7.00 27.16 -1.77
C TYR E 118 -7.23 28.00 -0.52
N ARG E 119 -6.57 29.16 -0.45
CA ARG E 119 -6.70 30.08 0.66
C ARG E 119 -7.09 31.46 0.13
N GLY E 120 -7.88 32.18 0.94
CA GLY E 120 -8.35 33.49 0.55
C GLY E 120 -7.30 34.58 0.78
N GLN E 121 -7.68 35.81 0.41
CA GLN E 121 -6.77 36.94 0.56
C GLN E 121 -6.66 37.39 2.01
N GLY E 122 -7.67 37.12 2.83
CA GLY E 122 -7.61 37.42 4.24
C GLY E 122 -8.19 38.78 4.59
N THR E 123 -8.45 38.98 5.87
CA THR E 123 -8.94 40.23 6.41
C THR E 123 -8.10 40.64 7.62
N GLN E 124 -7.86 41.93 7.77
CA GLN E 124 -7.04 42.45 8.84
C GLN E 124 -7.88 42.64 10.10
N VAL E 125 -7.43 42.03 11.19
CA VAL E 125 -8.04 42.19 12.51
C VAL E 125 -7.03 42.88 13.40
N THR E 126 -7.42 44.03 13.96
CA THR E 126 -6.52 44.84 14.79
C THR E 126 -7.16 45.03 16.16
N VAL E 127 -6.45 44.62 17.20
CA VAL E 127 -6.92 44.73 18.57
C VAL E 127 -5.98 45.69 19.28
N SER E 128 -6.43 46.92 19.53
CA SER E 128 -5.61 47.92 20.18
C SER E 128 -6.51 48.95 20.84
N SER E 129 -5.93 49.69 21.77
CA SER E 129 -6.67 50.73 22.49
C SER E 129 -6.15 52.12 22.13
C1 PG2 F . -11.40 -49.82 13.43
C2 PG2 F . -10.12 -49.41 12.69
C3 PG2 F . -9.55 -48.13 13.29
C4 PG2 F . -8.13 -47.82 12.85
C5 PG2 F . -7.82 -46.35 12.74
C6 PG2 F . -8.10 -45.52 11.72
C7 PG2 F . -8.82 -45.84 10.45
C8 PG2 F . -9.91 -44.81 10.10
C9 PG2 F . -11.27 -45.02 10.78
C10 PG2 F . -11.99 -43.69 10.63
C11 PG2 F . -10.85 -42.73 10.72
C12 PG2 F . -9.51 -43.39 10.51
C13 PG2 F . -8.69 -42.64 9.48
C14 PG2 F . -7.79 -41.72 9.83
C15 PG2 F . -6.92 -40.93 8.88
C16 PG2 F . -5.42 -41.09 9.09
C17 PG2 F . -4.86 -40.60 10.43
C18 PG2 F . -3.36 -40.88 10.64
C19 PG2 F . -3.04 -42.37 10.59
C20 PG2 F . -3.68 -43.15 11.73
O1 PG2 F . -12.29 -48.95 13.62
O2 PG2 F . -11.51 -51.02 13.81
O3 PG2 F . -11.14 -45.27 12.18
O4 PG2 F . -11.00 -41.53 10.92
O5 PG2 F . -7.31 -39.57 9.04
C1 NAG G . -0.51 -66.97 10.24
C2 NAG G . -0.08 -67.51 11.61
C3 NAG G . 1.45 -67.45 11.69
C4 NAG G . 2.06 -68.23 10.54
C5 NAG G . 1.49 -67.71 9.20
C6 NAG G . 1.97 -68.48 7.99
C7 NAG G . -1.65 -67.28 13.48
C8 NAG G . -2.18 -66.33 14.51
N2 NAG G . -0.70 -66.76 12.66
O3 NAG G . 1.82 -67.98 12.94
O4 NAG G . 3.46 -68.05 10.60
O5 NAG G . 0.08 -67.78 9.23
O6 NAG G . 1.24 -68.10 6.86
O7 NAG G . -2.06 -68.43 13.38
CAA Y01 H . -3.51 -43.78 -3.81
CBA Y01 H . -3.69 -42.37 -3.22
CAB Y01 H . -5.11 -41.90 -3.50
CAN Y01 H . -2.71 -41.40 -3.86
CAJ Y01 H . -1.27 -41.89 -3.66
CAO Y01 H . -0.62 -41.21 -2.44
CBB Y01 H . 0.22 -39.96 -2.79
CAC Y01 H . 0.76 -40.09 -4.22
CBE Y01 H . -0.62 -38.68 -2.59
CAP Y01 H . -1.48 -38.81 -1.30
CAQ Y01 H . -1.20 -37.52 -0.46
CBG Y01 H . -0.84 -36.54 -1.57
CBI Y01 H . 0.17 -37.38 -2.41
CAE Y01 H . 1.45 -37.64 -1.60
CAU Y01 H . 0.48 -36.59 -3.67
CAS Y01 H . 1.03 -35.20 -3.31
CBF Y01 H . 0.06 -34.42 -2.42
CBD Y01 H . -0.21 -35.23 -1.14
CAK Y01 H . -1.26 -34.48 -0.29
CAI Y01 H . -0.98 -33.01 -0.20
CAZ Y01 H . -0.18 -32.37 -1.00
CAV Y01 H . 0.00 -30.89 -0.77
CBH Y01 H . 0.57 -33.02 -2.12
CAD Y01 H . 2.04 -33.09 -1.72
CAT Y01 H . 0.48 -32.18 -3.40
CAR Y01 H . 0.79 -30.72 -3.11
CBC Y01 H . -0.23 -30.18 -2.11
OAW Y01 H . -0.04 -28.75 -1.93
CAY Y01 H . -1.13 -27.99 -1.80
OAG Y01 H . -2.21 -28.39 -2.15
CAM Y01 H . -1.01 -26.61 -1.19
CAL Y01 H . -0.23 -25.68 -2.11
CAX Y01 H . 1.24 -26.02 -2.05
OAH Y01 H . 1.83 -26.07 -0.93
OAF Y01 H . 1.88 -26.26 -3.11
#